data_1K2K
# 
_entry.id   1K2K 
# 
_audit_conform.dict_name       mmcif_pdbx.dic 
_audit_conform.dict_version    5.392 
_audit_conform.dict_location   http://mmcif.pdb.org/dictionaries/ascii/mmcif_pdbx.dic 
# 
loop_
_database_2.database_id 
_database_2.database_code 
_database_2.pdbx_database_accession 
_database_2.pdbx_DOI 
PDB   1K2K         pdb_00001k2k 10.2210/pdb1k2k/pdb 
RCSB  RCSB014480   ?            ?                   
WWPDB D_1000014480 ?            ?                   
# 
loop_
_pdbx_audit_revision_history.ordinal 
_pdbx_audit_revision_history.data_content_type 
_pdbx_audit_revision_history.major_revision 
_pdbx_audit_revision_history.minor_revision 
_pdbx_audit_revision_history.revision_date 
1 'Structure model' 1 0 2002-04-10 
2 'Structure model' 1 1 2008-04-27 
3 'Structure model' 1 2 2011-07-13 
4 'Structure model' 1 3 2022-02-23 
5 'Structure model' 1 4 2024-05-22 
# 
_pdbx_audit_revision_details.ordinal             1 
_pdbx_audit_revision_details.revision_ordinal    1 
_pdbx_audit_revision_details.data_content_type   'Structure model' 
_pdbx_audit_revision_details.provider            repository 
_pdbx_audit_revision_details.type                'Initial release' 
_pdbx_audit_revision_details.description         ? 
_pdbx_audit_revision_details.details             ? 
# 
loop_
_pdbx_audit_revision_group.ordinal 
_pdbx_audit_revision_group.revision_ordinal 
_pdbx_audit_revision_group.data_content_type 
_pdbx_audit_revision_group.group 
1 2 'Structure model' 'Version format compliance' 
2 3 'Structure model' 'Version format compliance' 
3 4 'Structure model' 'Data collection'           
4 4 'Structure model' 'Database references'       
5 4 'Structure model' 'Derived calculations'      
6 5 'Structure model' 'Data collection'           
# 
loop_
_pdbx_audit_revision_category.ordinal 
_pdbx_audit_revision_category.revision_ordinal 
_pdbx_audit_revision_category.data_content_type 
_pdbx_audit_revision_category.category 
1 4 'Structure model' database_2            
2 4 'Structure model' pdbx_nmr_software     
3 4 'Structure model' pdbx_struct_assembly  
4 4 'Structure model' pdbx_struct_oper_list 
5 5 'Structure model' chem_comp_atom        
6 5 'Structure model' chem_comp_bond        
# 
loop_
_pdbx_audit_revision_item.ordinal 
_pdbx_audit_revision_item.revision_ordinal 
_pdbx_audit_revision_item.data_content_type 
_pdbx_audit_revision_item.item 
1 4 'Structure model' '_database_2.pdbx_DOI'                
2 4 'Structure model' '_database_2.pdbx_database_accession' 
3 4 'Structure model' '_pdbx_nmr_software.name'             
# 
_pdbx_database_status.status_code                     REL 
_pdbx_database_status.entry_id                        1K2K 
_pdbx_database_status.recvd_initial_deposition_date   2001-09-28 
_pdbx_database_status.deposit_site                    RCSB 
_pdbx_database_status.process_site                    RCSB 
_pdbx_database_status.status_code_mr                  REL 
_pdbx_database_status.SG_entry                        . 
_pdbx_database_status.pdb_format_compatible           Y 
_pdbx_database_status.status_code_sf                  ? 
_pdbx_database_status.status_code_cs                  ? 
_pdbx_database_status.status_code_nmr_data            ? 
_pdbx_database_status.methods_development_category    ? 
# 
_pdbx_database_related.db_name        PDB 
_pdbx_database_related.db_id          1K2J 
_pdbx_database_related.details        '1K2J contains the same nucleic acid structure.' 
_pdbx_database_related.content_type   unspecified 
# 
loop_
_audit_author.name 
_audit_author.pdbx_ordinal 
'Lam, S.L.' 1 
'Ip, L.N.'  2 
# 
_citation.id                        primary 
_citation.title                     'Low temperature solution structures and base pair stacking of double helical d(CGTACG)(2).' 
_citation.journal_abbrev            J.Biomol.Struct.Dyn. 
_citation.journal_volume            19 
_citation.page_first                907 
_citation.page_last                 917 
_citation.year                      2002 
_citation.journal_id_ASTM           JBSDD6 
_citation.country                   US 
_citation.journal_id_ISSN           0739-1102 
_citation.journal_id_CSD            0646 
_citation.book_publisher            ? 
_citation.pdbx_database_id_PubMed   11922844 
_citation.pdbx_database_id_DOI      ? 
# 
loop_
_citation_author.citation_id 
_citation_author.name 
_citation_author.ordinal 
_citation_author.identifier_ORCID 
primary 'Lam, S.L.' 1 ? 
primary 'Ip, L.N.'  2 ? 
# 
_entity.id                         1 
_entity.type                       polymer 
_entity.src_method                 syn 
_entity.pdbx_description           "5'-D(*CP*GP*TP*AP*CP*G)-3'" 
_entity.formula_weight             1809.217 
_entity.pdbx_number_of_molecules   2 
_entity.pdbx_ec                    ? 
_entity.pdbx_mutation              ? 
_entity.pdbx_fragment              ? 
_entity.details                    ? 
# 
_entity_poly.entity_id                      1 
_entity_poly.type                           polydeoxyribonucleotide 
_entity_poly.nstd_linkage                   no 
_entity_poly.nstd_monomer                   no 
_entity_poly.pdbx_seq_one_letter_code       '(DC)(DG)(DT)(DA)(DC)(DG)' 
_entity_poly.pdbx_seq_one_letter_code_can   CGTACG 
_entity_poly.pdbx_strand_id                 A,B 
_entity_poly.pdbx_target_identifier         ? 
# 
loop_
_entity_poly_seq.entity_id 
_entity_poly_seq.num 
_entity_poly_seq.mon_id 
_entity_poly_seq.hetero 
1 1 DC n 
1 2 DG n 
1 3 DT n 
1 4 DA n 
1 5 DC n 
1 6 DG n 
# 
_pdbx_entity_src_syn.entity_id              1 
_pdbx_entity_src_syn.pdbx_src_id            1 
_pdbx_entity_src_syn.pdbx_alt_source_flag   sample 
_pdbx_entity_src_syn.pdbx_beg_seq_num       ? 
_pdbx_entity_src_syn.pdbx_end_seq_num       ? 
_pdbx_entity_src_syn.organism_scientific    ? 
_pdbx_entity_src_syn.organism_common_name   ? 
_pdbx_entity_src_syn.ncbi_taxonomy_id       ? 
_pdbx_entity_src_syn.details                'from solid-phase DNA synthesizer' 
# 
loop_
_chem_comp.id 
_chem_comp.type 
_chem_comp.mon_nstd_flag 
_chem_comp.name 
_chem_comp.pdbx_synonyms 
_chem_comp.formula 
_chem_comp.formula_weight 
DA 'DNA linking' y "2'-DEOXYADENOSINE-5'-MONOPHOSPHATE" ? 'C10 H14 N5 O6 P' 331.222 
DC 'DNA linking' y "2'-DEOXYCYTIDINE-5'-MONOPHOSPHATE"  ? 'C9 H14 N3 O7 P'  307.197 
DG 'DNA linking' y "2'-DEOXYGUANOSINE-5'-MONOPHOSPHATE" ? 'C10 H14 N5 O7 P' 347.221 
DT 'DNA linking' y "THYMIDINE-5'-MONOPHOSPHATE"         ? 'C10 H15 N2 O8 P' 322.208 
# 
loop_
_pdbx_poly_seq_scheme.asym_id 
_pdbx_poly_seq_scheme.entity_id 
_pdbx_poly_seq_scheme.seq_id 
_pdbx_poly_seq_scheme.mon_id 
_pdbx_poly_seq_scheme.ndb_seq_num 
_pdbx_poly_seq_scheme.pdb_seq_num 
_pdbx_poly_seq_scheme.auth_seq_num 
_pdbx_poly_seq_scheme.pdb_mon_id 
_pdbx_poly_seq_scheme.auth_mon_id 
_pdbx_poly_seq_scheme.pdb_strand_id 
_pdbx_poly_seq_scheme.pdb_ins_code 
_pdbx_poly_seq_scheme.hetero 
A 1 1 DC 1 1  1  DC C A . n 
A 1 2 DG 2 2  2  DG G A . n 
A 1 3 DT 3 3  3  DT T A . n 
A 1 4 DA 4 4  4  DA A A . n 
A 1 5 DC 5 5  5  DC C A . n 
A 1 6 DG 6 6  6  DG G A . n 
B 1 1 DC 1 7  7  DC C B . n 
B 1 2 DG 2 8  8  DG G B . n 
B 1 3 DT 3 9  9  DT T B . n 
B 1 4 DA 4 10 10 DA A B . n 
B 1 5 DC 5 11 11 DC C B . n 
B 1 6 DG 6 12 12 DG G B . n 
# 
_exptl.entry_id          1K2K 
_exptl.method            'SOLUTION NMR' 
_exptl.crystals_number   ? 
# 
_exptl_crystal.id                    1 
_exptl_crystal.density_meas          ? 
_exptl_crystal.density_Matthews      ? 
_exptl_crystal.density_percent_sol   ? 
_exptl_crystal.description           ? 
# 
_diffrn.id                     1 
_diffrn.ambient_temp           ? 
_diffrn.ambient_temp_details   ? 
_diffrn.crystal_id             1 
# 
_diffrn_radiation.diffrn_id                        1 
_diffrn_radiation.wavelength_id                    1 
_diffrn_radiation.pdbx_monochromatic_or_laue_m_l   M 
_diffrn_radiation.monochromator                    ? 
_diffrn_radiation.pdbx_diffrn_protocol             'SINGLE WAVELENGTH' 
_diffrn_radiation.pdbx_scattering_type             ? 
# 
_diffrn_radiation_wavelength.id           1 
_diffrn_radiation_wavelength.wavelength   . 
_diffrn_radiation_wavelength.wt           1.0 
# 
_struct.entry_id                  1K2K 
_struct.title                     'NMR MINIMIZED AVERAGE STRUCTURE OF d(CGTACG)2' 
_struct.pdbx_model_details        ? 
_struct.pdbx_CASP_flag            ? 
_struct.pdbx_model_type_details   ? 
# 
_struct_keywords.entry_id        1K2K 
_struct_keywords.pdbx_keywords   DNA 
_struct_keywords.text            'self-complementary DNA, DNA' 
# 
loop_
_struct_asym.id 
_struct_asym.pdbx_blank_PDB_chainid_flag 
_struct_asym.pdbx_modified 
_struct_asym.entity_id 
_struct_asym.details 
A N N 1 ? 
B N N 1 ? 
# 
_struct_ref.id                         1 
_struct_ref.entity_id                  1 
_struct_ref.db_name                    PDB 
_struct_ref.db_code                    1K2K 
_struct_ref.pdbx_db_accession          1K2K 
_struct_ref.pdbx_db_isoform            ? 
_struct_ref.pdbx_seq_one_letter_code   ? 
_struct_ref.pdbx_align_begin           ? 
# 
loop_
_struct_ref_seq.align_id 
_struct_ref_seq.ref_id 
_struct_ref_seq.pdbx_PDB_id_code 
_struct_ref_seq.pdbx_strand_id 
_struct_ref_seq.seq_align_beg 
_struct_ref_seq.pdbx_seq_align_beg_ins_code 
_struct_ref_seq.seq_align_end 
_struct_ref_seq.pdbx_seq_align_end_ins_code 
_struct_ref_seq.pdbx_db_accession 
_struct_ref_seq.db_align_beg 
_struct_ref_seq.pdbx_db_align_beg_ins_code 
_struct_ref_seq.db_align_end 
_struct_ref_seq.pdbx_db_align_end_ins_code 
_struct_ref_seq.pdbx_auth_seq_align_beg 
_struct_ref_seq.pdbx_auth_seq_align_end 
1 1 1K2K A 1 ? 6 ? 1K2K 1 ? 6  ? 1 6  
2 1 1K2K B 1 ? 6 ? 1K2K 7 ? 12 ? 7 12 
# 
_pdbx_struct_assembly.id                   1 
_pdbx_struct_assembly.details              author_defined_assembly 
_pdbx_struct_assembly.method_details       ? 
_pdbx_struct_assembly.oligomeric_details   dimeric 
_pdbx_struct_assembly.oligomeric_count     2 
# 
_pdbx_struct_assembly_gen.assembly_id       1 
_pdbx_struct_assembly_gen.oper_expression   1 
_pdbx_struct_assembly_gen.asym_id_list      A,B 
# 
_pdbx_struct_oper_list.id                   1 
_pdbx_struct_oper_list.type                 'identity operation' 
_pdbx_struct_oper_list.name                 1_555 
_pdbx_struct_oper_list.symmetry_operation   x,y,z 
_pdbx_struct_oper_list.matrix[1][1]         1.0000000000 
_pdbx_struct_oper_list.matrix[1][2]         0.0000000000 
_pdbx_struct_oper_list.matrix[1][3]         0.0000000000 
_pdbx_struct_oper_list.vector[1]            0.0000000000 
_pdbx_struct_oper_list.matrix[2][1]         0.0000000000 
_pdbx_struct_oper_list.matrix[2][2]         1.0000000000 
_pdbx_struct_oper_list.matrix[2][3]         0.0000000000 
_pdbx_struct_oper_list.vector[2]            0.0000000000 
_pdbx_struct_oper_list.matrix[3][1]         0.0000000000 
_pdbx_struct_oper_list.matrix[3][2]         0.0000000000 
_pdbx_struct_oper_list.matrix[3][3]         1.0000000000 
_pdbx_struct_oper_list.vector[3]            0.0000000000 
# 
_struct_biol.id   1 
# 
loop_
_struct_conn.id 
_struct_conn.conn_type_id 
_struct_conn.pdbx_leaving_atom_flag 
_struct_conn.pdbx_PDB_id 
_struct_conn.ptnr1_label_asym_id 
_struct_conn.ptnr1_label_comp_id 
_struct_conn.ptnr1_label_seq_id 
_struct_conn.ptnr1_label_atom_id 
_struct_conn.pdbx_ptnr1_label_alt_id 
_struct_conn.pdbx_ptnr1_PDB_ins_code 
_struct_conn.pdbx_ptnr1_standard_comp_id 
_struct_conn.ptnr1_symmetry 
_struct_conn.ptnr2_label_asym_id 
_struct_conn.ptnr2_label_comp_id 
_struct_conn.ptnr2_label_seq_id 
_struct_conn.ptnr2_label_atom_id 
_struct_conn.pdbx_ptnr2_label_alt_id 
_struct_conn.pdbx_ptnr2_PDB_ins_code 
_struct_conn.ptnr1_auth_asym_id 
_struct_conn.ptnr1_auth_comp_id 
_struct_conn.ptnr1_auth_seq_id 
_struct_conn.ptnr2_auth_asym_id 
_struct_conn.ptnr2_auth_comp_id 
_struct_conn.ptnr2_auth_seq_id 
_struct_conn.ptnr2_symmetry 
_struct_conn.pdbx_ptnr3_label_atom_id 
_struct_conn.pdbx_ptnr3_label_seq_id 
_struct_conn.pdbx_ptnr3_label_comp_id 
_struct_conn.pdbx_ptnr3_label_asym_id 
_struct_conn.pdbx_ptnr3_label_alt_id 
_struct_conn.pdbx_ptnr3_PDB_ins_code 
_struct_conn.details 
_struct_conn.pdbx_dist_value 
_struct_conn.pdbx_value_order 
_struct_conn.pdbx_role 
hydrog1  hydrog ? ? A DC 1 N3 ? ? ? 1_555 B DC 5 N4 ? ? A DC 1 B DC 11 1_555 ? ? ? ? ? ? 'DC-DC MISPAIR' ? ? ? 
hydrog2  hydrog ? ? A DC 1 N3 ? ? ? 1_555 B DG 6 N1 ? ? A DC 1 B DG 12 1_555 ? ? ? ? ? ? WATSON-CRICK    ? ? ? 
hydrog3  hydrog ? ? A DC 1 N4 ? ? ? 1_555 B DG 6 O6 ? ? A DC 1 B DG 12 1_555 ? ? ? ? ? ? WATSON-CRICK    ? ? ? 
hydrog4  hydrog ? ? A DC 1 O2 ? ? ? 1_555 B DG 6 N2 ? ? A DC 1 B DG 12 1_555 ? ? ? ? ? ? WATSON-CRICK    ? ? ? 
hydrog5  hydrog ? ? A DG 2 N1 ? ? ? 1_555 B DC 5 N3 ? ? A DG 2 B DC 11 1_555 ? ? ? ? ? ? WATSON-CRICK    ? ? ? 
hydrog6  hydrog ? ? A DG 2 N2 ? ? ? 1_555 B DC 5 O2 ? ? A DG 2 B DC 11 1_555 ? ? ? ? ? ? WATSON-CRICK    ? ? ? 
hydrog7  hydrog ? ? A DG 2 O6 ? ? ? 1_555 B DC 5 N4 ? ? A DG 2 B DC 11 1_555 ? ? ? ? ? ? WATSON-CRICK    ? ? ? 
hydrog8  hydrog ? ? A DT 3 N3 ? ? ? 1_555 B DA 4 N1 ? ? A DT 3 B DA 10 1_555 ? ? ? ? ? ? WATSON-CRICK    ? ? ? 
hydrog9  hydrog ? ? A DT 3 O4 ? ? ? 1_555 B DA 4 N6 ? ? A DT 3 B DA 10 1_555 ? ? ? ? ? ? WATSON-CRICK    ? ? ? 
hydrog10 hydrog ? ? A DA 4 N1 ? ? ? 1_555 B DT 3 N3 ? ? A DA 4 B DT 9  1_555 ? ? ? ? ? ? WATSON-CRICK    ? ? ? 
hydrog11 hydrog ? ? A DA 4 N6 ? ? ? 1_555 B DT 3 O4 ? ? A DA 4 B DT 9  1_555 ? ? ? ? ? ? WATSON-CRICK    ? ? ? 
hydrog12 hydrog ? ? A DC 5 N4 ? ? ? 1_555 B DC 1 N3 ? ? A DC 5 B DC 7  1_555 ? ? ? ? ? ? 'DC-DC MISPAIR' ? ? ? 
hydrog13 hydrog ? ? A DC 5 N3 ? ? ? 1_555 B DG 2 N1 ? ? A DC 5 B DG 8  1_555 ? ? ? ? ? ? WATSON-CRICK    ? ? ? 
hydrog14 hydrog ? ? A DC 5 N4 ? ? ? 1_555 B DG 2 O6 ? ? A DC 5 B DG 8  1_555 ? ? ? ? ? ? WATSON-CRICK    ? ? ? 
hydrog15 hydrog ? ? A DC 5 O2 ? ? ? 1_555 B DG 2 N2 ? ? A DC 5 B DG 8  1_555 ? ? ? ? ? ? WATSON-CRICK    ? ? ? 
hydrog16 hydrog ? ? A DG 6 N1 ? ? ? 1_555 B DC 1 N3 ? ? A DG 6 B DC 7  1_555 ? ? ? ? ? ? WATSON-CRICK    ? ? ? 
hydrog17 hydrog ? ? A DG 6 N2 ? ? ? 1_555 B DC 1 O2 ? ? A DG 6 B DC 7  1_555 ? ? ? ? ? ? WATSON-CRICK    ? ? ? 
hydrog18 hydrog ? ? A DG 6 O6 ? ? ? 1_555 B DC 1 N4 ? ? A DG 6 B DC 7  1_555 ? ? ? ? ? ? WATSON-CRICK    ? ? ? 
# 
_struct_conn_type.id          hydrog 
_struct_conn_type.criteria    ? 
_struct_conn_type.reference   ? 
# 
loop_
_pdbx_validate_rmsd_angle.id 
_pdbx_validate_rmsd_angle.PDB_model_num 
_pdbx_validate_rmsd_angle.auth_atom_id_1 
_pdbx_validate_rmsd_angle.auth_asym_id_1 
_pdbx_validate_rmsd_angle.auth_comp_id_1 
_pdbx_validate_rmsd_angle.auth_seq_id_1 
_pdbx_validate_rmsd_angle.PDB_ins_code_1 
_pdbx_validate_rmsd_angle.label_alt_id_1 
_pdbx_validate_rmsd_angle.auth_atom_id_2 
_pdbx_validate_rmsd_angle.auth_asym_id_2 
_pdbx_validate_rmsd_angle.auth_comp_id_2 
_pdbx_validate_rmsd_angle.auth_seq_id_2 
_pdbx_validate_rmsd_angle.PDB_ins_code_2 
_pdbx_validate_rmsd_angle.label_alt_id_2 
_pdbx_validate_rmsd_angle.auth_atom_id_3 
_pdbx_validate_rmsd_angle.auth_asym_id_3 
_pdbx_validate_rmsd_angle.auth_comp_id_3 
_pdbx_validate_rmsd_angle.auth_seq_id_3 
_pdbx_validate_rmsd_angle.PDB_ins_code_3 
_pdbx_validate_rmsd_angle.label_alt_id_3 
_pdbx_validate_rmsd_angle.angle_value 
_pdbx_validate_rmsd_angle.angle_target_value 
_pdbx_validate_rmsd_angle.angle_deviation 
_pdbx_validate_rmsd_angle.angle_standard_deviation 
_pdbx_validate_rmsd_angle.linker_flag 
1  1 "O4'" A DC 1  ? ? "C1'" A DC 1  ? ? N1    A DC 1  ? ? 112.95 108.30 4.65  0.30 N 
2  1 "C5'" A DT 3  ? ? "C4'" A DT 3  ? ? "O4'" A DT 3  ? ? 118.89 109.80 9.09  1.10 N 
3  1 "O4'" A DA 4  ? ? "C1'" A DA 4  ? ? N9    A DA 4  ? ? 111.97 108.30 3.67  0.30 N 
4  1 "O4'" A DC 5  ? ? "C4'" A DC 5  ? ? "C3'" A DC 5  ? ? 111.46 106.00 5.46  0.60 N 
5  1 "C5'" A DC 5  ? ? "C4'" A DC 5  ? ? "O4'" A DC 5  ? ? 122.36 109.80 12.56 1.10 N 
6  1 "O4'" A DG 6  ? ? "C1'" A DG 6  ? ? "C2'" A DG 6  ? ? 110.00 106.80 3.20  0.50 N 
7  1 "O4'" B DC 7  ? ? "C1'" B DC 7  ? ? N1    B DC 7  ? ? 112.72 108.30 4.42  0.30 N 
8  1 "C5'" B DT 9  ? ? "C4'" B DT 9  ? ? "O4'" B DT 9  ? ? 118.91 109.80 9.11  1.10 N 
9  1 "O4'" B DA 10 ? ? "C1'" B DA 10 ? ? N9    B DA 10 ? ? 112.04 108.30 3.74  0.30 N 
10 1 "O4'" B DC 11 ? ? "C4'" B DC 11 ? ? "C3'" B DC 11 ? ? 111.45 106.00 5.45  0.60 N 
11 1 "C5'" B DC 11 ? ? "C4'" B DC 11 ? ? "O4'" B DC 11 ? ? 122.37 109.80 12.57 1.10 N 
12 1 "O4'" B DG 12 ? ? "C1'" B DG 12 ? ? "C2'" B DG 12 ? ? 109.90 106.80 3.10  0.50 N 
# 
loop_
_pdbx_validate_planes.id 
_pdbx_validate_planes.PDB_model_num 
_pdbx_validate_planes.auth_comp_id 
_pdbx_validate_planes.auth_asym_id 
_pdbx_validate_planes.auth_seq_id 
_pdbx_validate_planes.PDB_ins_code 
_pdbx_validate_planes.label_alt_id 
_pdbx_validate_planes.rmsd 
_pdbx_validate_planes.type 
1 1 DG A 2  ? ? 0.112 'SIDE CHAIN' 
2 1 DT A 3  ? ? 0.070 'SIDE CHAIN' 
3 1 DA A 4  ? ? 0.097 'SIDE CHAIN' 
4 1 DG B 8  ? ? 0.112 'SIDE CHAIN' 
5 1 DT B 9  ? ? 0.070 'SIDE CHAIN' 
6 1 DA B 10 ? ? 0.096 'SIDE CHAIN' 
# 
_pdbx_nmr_ensemble.entry_id                             1K2K 
_pdbx_nmr_ensemble.conformers_calculated_total_number   ? 
_pdbx_nmr_ensemble.conformers_submitted_total_number    1 
_pdbx_nmr_ensemble.conformer_selection_criteria         ? 
# 
_pdbx_nmr_sample_details.solution_id      1 
_pdbx_nmr_sample_details.contents         
;3.1 mM (total strand concentration) 5'-d(CGTACG)2 in 10 mM sodium phosphate pH 7.0
;
_pdbx_nmr_sample_details.solvent_system   D2O 
# 
_pdbx_nmr_exptl_sample_conditions.conditions_id       1 
_pdbx_nmr_exptl_sample_conditions.temperature         288 
_pdbx_nmr_exptl_sample_conditions.pressure            ? 
_pdbx_nmr_exptl_sample_conditions.pH                  7.0 
_pdbx_nmr_exptl_sample_conditions.ionic_strength      ? 
_pdbx_nmr_exptl_sample_conditions.pressure_units      ? 
_pdbx_nmr_exptl_sample_conditions.temperature_units   K 
# 
_pdbx_nmr_refine.entry_id           1K2K 
_pdbx_nmr_refine.method             'restrained molecular dynamics and energy minimization' 
_pdbx_nmr_refine.details            'using AMBER 4.0' 
_pdbx_nmr_refine.software_ordinal   1 
# 
loop_
_pdbx_nmr_software.name 
_pdbx_nmr_software.version 
_pdbx_nmr_software.classification 
_pdbx_nmr_software.authors 
_pdbx_nmr_software.ordinal 
XwinNMR   2.1 processing      Bruker           1 
MARDIGRAS 3.5 'data analysis' 'James et al.'   2 
Amber     4.0 refinement      'Kollman et al.' 3 
# 
loop_
_chem_comp_atom.comp_id 
_chem_comp_atom.atom_id 
_chem_comp_atom.type_symbol 
_chem_comp_atom.pdbx_aromatic_flag 
_chem_comp_atom.pdbx_stereo_config 
_chem_comp_atom.pdbx_ordinal 
DA OP3    O N N 1   
DA P      P N N 2   
DA OP1    O N N 3   
DA OP2    O N N 4   
DA "O5'"  O N N 5   
DA "C5'"  C N N 6   
DA "C4'"  C N R 7   
DA "O4'"  O N N 8   
DA "C3'"  C N S 9   
DA "O3'"  O N N 10  
DA "C2'"  C N N 11  
DA "C1'"  C N R 12  
DA N9     N Y N 13  
DA C8     C Y N 14  
DA N7     N Y N 15  
DA C5     C Y N 16  
DA C6     C Y N 17  
DA N6     N N N 18  
DA N1     N Y N 19  
DA C2     C Y N 20  
DA N3     N Y N 21  
DA C4     C Y N 22  
DA HOP3   H N N 23  
DA HOP2   H N N 24  
DA "H5'"  H N N 25  
DA "H5''" H N N 26  
DA "H4'"  H N N 27  
DA "H3'"  H N N 28  
DA "HO3'" H N N 29  
DA "H2'"  H N N 30  
DA "H2''" H N N 31  
DA "H1'"  H N N 32  
DA H8     H N N 33  
DA H61    H N N 34  
DA H62    H N N 35  
DA H2     H N N 36  
DC OP3    O N N 37  
DC P      P N N 38  
DC OP1    O N N 39  
DC OP2    O N N 40  
DC "O5'"  O N N 41  
DC "C5'"  C N N 42  
DC "C4'"  C N R 43  
DC "O4'"  O N N 44  
DC "C3'"  C N S 45  
DC "O3'"  O N N 46  
DC "C2'"  C N N 47  
DC "C1'"  C N R 48  
DC N1     N N N 49  
DC C2     C N N 50  
DC O2     O N N 51  
DC N3     N N N 52  
DC C4     C N N 53  
DC N4     N N N 54  
DC C5     C N N 55  
DC C6     C N N 56  
DC HOP3   H N N 57  
DC HOP2   H N N 58  
DC "H5'"  H N N 59  
DC "H5''" H N N 60  
DC "H4'"  H N N 61  
DC "H3'"  H N N 62  
DC "HO3'" H N N 63  
DC "H2'"  H N N 64  
DC "H2''" H N N 65  
DC "H1'"  H N N 66  
DC H41    H N N 67  
DC H42    H N N 68  
DC H5     H N N 69  
DC H6     H N N 70  
DG OP3    O N N 71  
DG P      P N N 72  
DG OP1    O N N 73  
DG OP2    O N N 74  
DG "O5'"  O N N 75  
DG "C5'"  C N N 76  
DG "C4'"  C N R 77  
DG "O4'"  O N N 78  
DG "C3'"  C N S 79  
DG "O3'"  O N N 80  
DG "C2'"  C N N 81  
DG "C1'"  C N R 82  
DG N9     N Y N 83  
DG C8     C Y N 84  
DG N7     N Y N 85  
DG C5     C Y N 86  
DG C6     C N N 87  
DG O6     O N N 88  
DG N1     N N N 89  
DG C2     C N N 90  
DG N2     N N N 91  
DG N3     N N N 92  
DG C4     C Y N 93  
DG HOP3   H N N 94  
DG HOP2   H N N 95  
DG "H5'"  H N N 96  
DG "H5''" H N N 97  
DG "H4'"  H N N 98  
DG "H3'"  H N N 99  
DG "HO3'" H N N 100 
DG "H2'"  H N N 101 
DG "H2''" H N N 102 
DG "H1'"  H N N 103 
DG H8     H N N 104 
DG H1     H N N 105 
DG H21    H N N 106 
DG H22    H N N 107 
DT OP3    O N N 108 
DT P      P N N 109 
DT OP1    O N N 110 
DT OP2    O N N 111 
DT "O5'"  O N N 112 
DT "C5'"  C N N 113 
DT "C4'"  C N R 114 
DT "O4'"  O N N 115 
DT "C3'"  C N S 116 
DT "O3'"  O N N 117 
DT "C2'"  C N N 118 
DT "C1'"  C N R 119 
DT N1     N N N 120 
DT C2     C N N 121 
DT O2     O N N 122 
DT N3     N N N 123 
DT C4     C N N 124 
DT O4     O N N 125 
DT C5     C N N 126 
DT C7     C N N 127 
DT C6     C N N 128 
DT HOP3   H N N 129 
DT HOP2   H N N 130 
DT "H5'"  H N N 131 
DT "H5''" H N N 132 
DT "H4'"  H N N 133 
DT "H3'"  H N N 134 
DT "HO3'" H N N 135 
DT "H2'"  H N N 136 
DT "H2''" H N N 137 
DT "H1'"  H N N 138 
DT H3     H N N 139 
DT H71    H N N 140 
DT H72    H N N 141 
DT H73    H N N 142 
DT H6     H N N 143 
# 
loop_
_chem_comp_bond.comp_id 
_chem_comp_bond.atom_id_1 
_chem_comp_bond.atom_id_2 
_chem_comp_bond.value_order 
_chem_comp_bond.pdbx_aromatic_flag 
_chem_comp_bond.pdbx_stereo_config 
_chem_comp_bond.pdbx_ordinal 
DA OP3   P      sing N N 1   
DA OP3   HOP3   sing N N 2   
DA P     OP1    doub N N 3   
DA P     OP2    sing N N 4   
DA P     "O5'"  sing N N 5   
DA OP2   HOP2   sing N N 6   
DA "O5'" "C5'"  sing N N 7   
DA "C5'" "C4'"  sing N N 8   
DA "C5'" "H5'"  sing N N 9   
DA "C5'" "H5''" sing N N 10  
DA "C4'" "O4'"  sing N N 11  
DA "C4'" "C3'"  sing N N 12  
DA "C4'" "H4'"  sing N N 13  
DA "O4'" "C1'"  sing N N 14  
DA "C3'" "O3'"  sing N N 15  
DA "C3'" "C2'"  sing N N 16  
DA "C3'" "H3'"  sing N N 17  
DA "O3'" "HO3'" sing N N 18  
DA "C2'" "C1'"  sing N N 19  
DA "C2'" "H2'"  sing N N 20  
DA "C2'" "H2''" sing N N 21  
DA "C1'" N9     sing N N 22  
DA "C1'" "H1'"  sing N N 23  
DA N9    C8     sing Y N 24  
DA N9    C4     sing Y N 25  
DA C8    N7     doub Y N 26  
DA C8    H8     sing N N 27  
DA N7    C5     sing Y N 28  
DA C5    C6     sing Y N 29  
DA C5    C4     doub Y N 30  
DA C6    N6     sing N N 31  
DA C6    N1     doub Y N 32  
DA N6    H61    sing N N 33  
DA N6    H62    sing N N 34  
DA N1    C2     sing Y N 35  
DA C2    N3     doub Y N 36  
DA C2    H2     sing N N 37  
DA N3    C4     sing Y N 38  
DC OP3   P      sing N N 39  
DC OP3   HOP3   sing N N 40  
DC P     OP1    doub N N 41  
DC P     OP2    sing N N 42  
DC P     "O5'"  sing N N 43  
DC OP2   HOP2   sing N N 44  
DC "O5'" "C5'"  sing N N 45  
DC "C5'" "C4'"  sing N N 46  
DC "C5'" "H5'"  sing N N 47  
DC "C5'" "H5''" sing N N 48  
DC "C4'" "O4'"  sing N N 49  
DC "C4'" "C3'"  sing N N 50  
DC "C4'" "H4'"  sing N N 51  
DC "O4'" "C1'"  sing N N 52  
DC "C3'" "O3'"  sing N N 53  
DC "C3'" "C2'"  sing N N 54  
DC "C3'" "H3'"  sing N N 55  
DC "O3'" "HO3'" sing N N 56  
DC "C2'" "C1'"  sing N N 57  
DC "C2'" "H2'"  sing N N 58  
DC "C2'" "H2''" sing N N 59  
DC "C1'" N1     sing N N 60  
DC "C1'" "H1'"  sing N N 61  
DC N1    C2     sing N N 62  
DC N1    C6     sing N N 63  
DC C2    O2     doub N N 64  
DC C2    N3     sing N N 65  
DC N3    C4     doub N N 66  
DC C4    N4     sing N N 67  
DC C4    C5     sing N N 68  
DC N4    H41    sing N N 69  
DC N4    H42    sing N N 70  
DC C5    C6     doub N N 71  
DC C5    H5     sing N N 72  
DC C6    H6     sing N N 73  
DG OP3   P      sing N N 74  
DG OP3   HOP3   sing N N 75  
DG P     OP1    doub N N 76  
DG P     OP2    sing N N 77  
DG P     "O5'"  sing N N 78  
DG OP2   HOP2   sing N N 79  
DG "O5'" "C5'"  sing N N 80  
DG "C5'" "C4'"  sing N N 81  
DG "C5'" "H5'"  sing N N 82  
DG "C5'" "H5''" sing N N 83  
DG "C4'" "O4'"  sing N N 84  
DG "C4'" "C3'"  sing N N 85  
DG "C4'" "H4'"  sing N N 86  
DG "O4'" "C1'"  sing N N 87  
DG "C3'" "O3'"  sing N N 88  
DG "C3'" "C2'"  sing N N 89  
DG "C3'" "H3'"  sing N N 90  
DG "O3'" "HO3'" sing N N 91  
DG "C2'" "C1'"  sing N N 92  
DG "C2'" "H2'"  sing N N 93  
DG "C2'" "H2''" sing N N 94  
DG "C1'" N9     sing N N 95  
DG "C1'" "H1'"  sing N N 96  
DG N9    C8     sing Y N 97  
DG N9    C4     sing Y N 98  
DG C8    N7     doub Y N 99  
DG C8    H8     sing N N 100 
DG N7    C5     sing Y N 101 
DG C5    C6     sing N N 102 
DG C5    C4     doub Y N 103 
DG C6    O6     doub N N 104 
DG C6    N1     sing N N 105 
DG N1    C2     sing N N 106 
DG N1    H1     sing N N 107 
DG C2    N2     sing N N 108 
DG C2    N3     doub N N 109 
DG N2    H21    sing N N 110 
DG N2    H22    sing N N 111 
DG N3    C4     sing N N 112 
DT OP3   P      sing N N 113 
DT OP3   HOP3   sing N N 114 
DT P     OP1    doub N N 115 
DT P     OP2    sing N N 116 
DT P     "O5'"  sing N N 117 
DT OP2   HOP2   sing N N 118 
DT "O5'" "C5'"  sing N N 119 
DT "C5'" "C4'"  sing N N 120 
DT "C5'" "H5'"  sing N N 121 
DT "C5'" "H5''" sing N N 122 
DT "C4'" "O4'"  sing N N 123 
DT "C4'" "C3'"  sing N N 124 
DT "C4'" "H4'"  sing N N 125 
DT "O4'" "C1'"  sing N N 126 
DT "C3'" "O3'"  sing N N 127 
DT "C3'" "C2'"  sing N N 128 
DT "C3'" "H3'"  sing N N 129 
DT "O3'" "HO3'" sing N N 130 
DT "C2'" "C1'"  sing N N 131 
DT "C2'" "H2'"  sing N N 132 
DT "C2'" "H2''" sing N N 133 
DT "C1'" N1     sing N N 134 
DT "C1'" "H1'"  sing N N 135 
DT N1    C2     sing N N 136 
DT N1    C6     sing N N 137 
DT C2    O2     doub N N 138 
DT C2    N3     sing N N 139 
DT N3    C4     sing N N 140 
DT N3    H3     sing N N 141 
DT C4    O4     doub N N 142 
DT C4    C5     sing N N 143 
DT C5    C7     sing N N 144 
DT C5    C6     doub N N 145 
DT C7    H71    sing N N 146 
DT C7    H72    sing N N 147 
DT C7    H73    sing N N 148 
DT C6    H6     sing N N 149 
# 
loop_
_ndb_struct_conf_na.entry_id 
_ndb_struct_conf_na.feature 
1K2K 'b-form double helix'  
1K2K 'mismatched base pair' 
# 
loop_
_ndb_struct_na_base_pair.model_number 
_ndb_struct_na_base_pair.i_label_asym_id 
_ndb_struct_na_base_pair.i_label_comp_id 
_ndb_struct_na_base_pair.i_label_seq_id 
_ndb_struct_na_base_pair.i_symmetry 
_ndb_struct_na_base_pair.j_label_asym_id 
_ndb_struct_na_base_pair.j_label_comp_id 
_ndb_struct_na_base_pair.j_label_seq_id 
_ndb_struct_na_base_pair.j_symmetry 
_ndb_struct_na_base_pair.shear 
_ndb_struct_na_base_pair.stretch 
_ndb_struct_na_base_pair.stagger 
_ndb_struct_na_base_pair.buckle 
_ndb_struct_na_base_pair.propeller 
_ndb_struct_na_base_pair.opening 
_ndb_struct_na_base_pair.pair_number 
_ndb_struct_na_base_pair.pair_name 
_ndb_struct_na_base_pair.i_auth_asym_id 
_ndb_struct_na_base_pair.i_auth_seq_id 
_ndb_struct_na_base_pair.i_PDB_ins_code 
_ndb_struct_na_base_pair.j_auth_asym_id 
_ndb_struct_na_base_pair.j_auth_seq_id 
_ndb_struct_na_base_pair.j_PDB_ins_code 
_ndb_struct_na_base_pair.hbond_type_28 
_ndb_struct_na_base_pair.hbond_type_12 
1 A DC 1 1_555 B DG 6 1_555 0.214  -0.010 0.629 -35.676 8.759   -0.501 1 A_DC1:DG12_B A 1 ? B 12 ? 19 1 
1 A DG 2 1_555 B DC 5 1_555 -0.448 -0.280 0.369 -1.326  -24.276 -2.184 2 A_DG2:DC11_B A 2 ? B 11 ? 19 1 
1 A DT 3 1_555 B DA 4 1_555 0.002  -0.193 0.695 -9.612  -12.647 -4.308 3 A_DT3:DA10_B A 3 ? B 10 ? 20 1 
1 A DA 4 1_555 B DT 3 1_555 0.000  -0.193 0.698 9.698   -12.679 -4.385 4 A_DA4:DT9_B  A 4 ? B 9  ? 20 1 
1 A DC 5 1_555 B DG 2 1_555 0.448  -0.281 0.374 1.356   -24.311 -2.221 5 A_DC5:DG8_B  A 5 ? B 8  ? 19 1 
1 A DG 6 1_555 B DC 1 1_555 -0.218 -0.010 0.629 35.801  9.343   -0.438 6 A_DG6:DC7_B  A 6 ? B 7  ? 19 1 
# 
loop_
_ndb_struct_na_base_pair_step.model_number 
_ndb_struct_na_base_pair_step.i_label_asym_id_1 
_ndb_struct_na_base_pair_step.i_label_comp_id_1 
_ndb_struct_na_base_pair_step.i_label_seq_id_1 
_ndb_struct_na_base_pair_step.i_symmetry_1 
_ndb_struct_na_base_pair_step.j_label_asym_id_1 
_ndb_struct_na_base_pair_step.j_label_comp_id_1 
_ndb_struct_na_base_pair_step.j_label_seq_id_1 
_ndb_struct_na_base_pair_step.j_symmetry_1 
_ndb_struct_na_base_pair_step.i_label_asym_id_2 
_ndb_struct_na_base_pair_step.i_label_comp_id_2 
_ndb_struct_na_base_pair_step.i_label_seq_id_2 
_ndb_struct_na_base_pair_step.i_symmetry_2 
_ndb_struct_na_base_pair_step.j_label_asym_id_2 
_ndb_struct_na_base_pair_step.j_label_comp_id_2 
_ndb_struct_na_base_pair_step.j_label_seq_id_2 
_ndb_struct_na_base_pair_step.j_symmetry_2 
_ndb_struct_na_base_pair_step.shift 
_ndb_struct_na_base_pair_step.slide 
_ndb_struct_na_base_pair_step.rise 
_ndb_struct_na_base_pair_step.tilt 
_ndb_struct_na_base_pair_step.roll 
_ndb_struct_na_base_pair_step.twist 
_ndb_struct_na_base_pair_step.x_displacement 
_ndb_struct_na_base_pair_step.y_displacement 
_ndb_struct_na_base_pair_step.helical_rise 
_ndb_struct_na_base_pair_step.inclination 
_ndb_struct_na_base_pair_step.tip 
_ndb_struct_na_base_pair_step.helical_twist 
_ndb_struct_na_base_pair_step.step_number 
_ndb_struct_na_base_pair_step.step_name 
_ndb_struct_na_base_pair_step.i_auth_asym_id_1 
_ndb_struct_na_base_pair_step.i_auth_seq_id_1 
_ndb_struct_na_base_pair_step.i_PDB_ins_code_1 
_ndb_struct_na_base_pair_step.j_auth_asym_id_1 
_ndb_struct_na_base_pair_step.j_auth_seq_id_1 
_ndb_struct_na_base_pair_step.j_PDB_ins_code_1 
_ndb_struct_na_base_pair_step.i_auth_asym_id_2 
_ndb_struct_na_base_pair_step.i_auth_seq_id_2 
_ndb_struct_na_base_pair_step.i_PDB_ins_code_2 
_ndb_struct_na_base_pair_step.j_auth_asym_id_2 
_ndb_struct_na_base_pair_step.j_auth_seq_id_2 
_ndb_struct_na_base_pair_step.j_PDB_ins_code_2 
1 A DC 1 1_555 B DG 6 1_555 A DG 2 1_555 B DC 5 1_555 -1.321 2.001  2.854 -5.924 -4.709  42.891 3.093  1.286  2.780 -6.381  8.026  
43.523 1 AA_DC1DG2:DC11DG12_BB A 1 ? B 12 ? A 2 ? B 11 ? 
1 A DG 2 1_555 B DC 5 1_555 A DT 3 1_555 B DA 4 1_555 -0.394 -0.511 3.419 -3.768 -2.251  31.323 -0.497 -0.015 3.469 -4.144  6.936  
31.621 2 AA_DG2DT3:DA10DC11_BB A 2 ? B 11 ? A 3 ? B 10 ? 
1 A DT 3 1_555 B DA 4 1_555 A DA 4 1_555 B DT 3 1_555 -0.005 0.474  2.767 -0.026 -11.721 45.474 1.402  0.005  2.577 -14.873 0.033  
46.882 3 AA_DT3DA4:DT9DA10_BB  A 3 ? B 10 ? A 4 ? B 9  ? 
1 A DA 4 1_555 B DT 3 1_555 A DC 5 1_555 B DG 2 1_555 0.393  -0.511 3.420 3.746  -2.229  31.317 -0.501 0.013  3.470 -4.103  -6.897 
31.612 4 AA_DA4DC5:DG8DT9_BB   A 4 ? B 9  ? A 5 ? B 8  ? 
1 A DC 5 1_555 B DG 2 1_555 A DG 6 1_555 B DC 1 1_555 1.316  2.033  2.859 5.773  -4.928  42.768 3.163  -1.294 2.766 -6.694  -7.842 
43.405 5 AA_DC5DG6:DC7DG8_BB   A 5 ? B 8  ? A 6 ? B 7  ? 
# 
_pdbx_nmr_spectrometer.spectrometer_id   1 
_pdbx_nmr_spectrometer.type              ? 
_pdbx_nmr_spectrometer.manufacturer      Bruker 
_pdbx_nmr_spectrometer.model             ARX 
_pdbx_nmr_spectrometer.field_strength    500 
# 
_atom_sites.entry_id                    1K2K 
_atom_sites.fract_transf_matrix[1][1]   1.000000 
_atom_sites.fract_transf_matrix[1][2]   0.000000 
_atom_sites.fract_transf_matrix[1][3]   0.000000 
_atom_sites.fract_transf_matrix[2][1]   0.000000 
_atom_sites.fract_transf_matrix[2][2]   1.000000 
_atom_sites.fract_transf_matrix[2][3]   0.000000 
_atom_sites.fract_transf_matrix[3][1]   0.000000 
_atom_sites.fract_transf_matrix[3][2]   0.000000 
_atom_sites.fract_transf_matrix[3][3]   1.000000 
_atom_sites.fract_transf_vector[1]      0.00000 
_atom_sites.fract_transf_vector[2]      0.00000 
_atom_sites.fract_transf_vector[3]      0.00000 
# 
loop_
_atom_type.symbol 
C 
H 
N 
O 
P 
# 
loop_
_atom_site.group_PDB 
_atom_site.id 
_atom_site.type_symbol 
_atom_site.label_atom_id 
_atom_site.label_alt_id 
_atom_site.label_comp_id 
_atom_site.label_asym_id 
_atom_site.label_entity_id 
_atom_site.label_seq_id 
_atom_site.pdbx_PDB_ins_code 
_atom_site.Cartn_x 
_atom_site.Cartn_y 
_atom_site.Cartn_z 
_atom_site.occupancy 
_atom_site.B_iso_or_equiv 
_atom_site.pdbx_formal_charge 
_atom_site.auth_seq_id 
_atom_site.auth_comp_id 
_atom_site.auth_asym_id 
_atom_site.auth_atom_id 
_atom_site.pdbx_PDB_model_num 
ATOM 1   O "O5'"  . DC A 1 1 ? 0.843  -12.235 -2.890  1.00 10.00 ? 1  DC A "O5'"  1 
ATOM 2   C "C5'"  . DC A 1 1 ? 0.125  -13.007 -1.952  1.00 10.00 ? 1  DC A "C5'"  1 
ATOM 3   C "C4'"  . DC A 1 1 ? -0.510 -12.148 -0.849  1.00 10.00 ? 1  DC A "C4'"  1 
ATOM 4   O "O4'"  . DC A 1 1 ? 0.495  -11.576 -0.011  1.00 10.00 ? 1  DC A "O4'"  1 
ATOM 5   C "C3'"  . DC A 1 1 ? -1.312 -10.955 -1.453  1.00 10.00 ? 1  DC A "C3'"  1 
ATOM 6   O "O3'"  . DC A 1 1 ? -2.463 -10.845 -0.633  1.00 10.00 ? 1  DC A "O3'"  1 
ATOM 7   C "C2'"  . DC A 1 1 ? -0.306 -9.802  -1.284  1.00 10.00 ? 1  DC A "C2'"  1 
ATOM 8   C "C1'"  . DC A 1 1 ? 0.348  -10.157 0.045   1.00 10.00 ? 1  DC A "C1'"  1 
ATOM 9   N N1     . DC A 1 1 ? 1.632  -9.451  0.232   1.00 10.00 ? 1  DC A N1     1 
ATOM 10  C C2     . DC A 1 1 ? 1.763  -8.371  1.098   1.00 10.00 ? 1  DC A C2     1 
ATOM 11  O O2     . DC A 1 1 ? 0.795  -7.902  1.692   1.00 10.00 ? 1  DC A O2     1 
ATOM 12  N N3     . DC A 1 1 ? 3.006  -7.838  1.298   1.00 10.00 ? 1  DC A N3     1 
ATOM 13  C C4     . DC A 1 1 ? 4.056  -8.311  0.614   1.00 10.00 ? 1  DC A C4     1 
ATOM 14  N N4     . DC A 1 1 ? 5.254  -7.791  0.857   1.00 10.00 ? 1  DC A N4     1 
ATOM 15  C C5     . DC A 1 1 ? 3.927  -9.390  -0.321  1.00 10.00 ? 1  DC A C5     1 
ATOM 16  C C6     . DC A 1 1 ? 2.691  -9.920  -0.455  1.00 10.00 ? 1  DC A C6     1 
ATOM 17  H "H5'"  . DC A 1 1 ? 0.796  -13.740 -1.502  1.00 10.00 ? 1  DC A "H5'"  1 
ATOM 18  H "H5''" . DC A 1 1 ? -0.667 -13.536 -2.481  1.00 10.00 ? 1  DC A "H5''" 1 
ATOM 19  H "H4'"  . DC A 1 1 ? -1.077 -12.874 -0.218  1.00 10.00 ? 1  DC A "H4'"  1 
ATOM 20  H "H3'"  . DC A 1 1 ? -1.624 -11.056 -2.511  1.00 10.00 ? 1  DC A "H3'"  1 
ATOM 21  H "H2'"  . DC A 1 1 ? 0.466  -9.791  -2.061  1.00 10.00 ? 1  DC A "H2'"  1 
ATOM 22  H "H2''" . DC A 1 1 ? -0.747 -8.815  -1.283  1.00 10.00 ? 1  DC A "H2''" 1 
ATOM 23  H "H1'"  . DC A 1 1 ? -0.255 -9.913  0.887   1.00 10.00 ? 1  DC A "H1'"  1 
ATOM 24  H H41    . DC A 1 1 ? 5.357  -7.133  1.621   1.00 10.00 ? 1  DC A H41    1 
ATOM 25  H H42    . DC A 1 1 ? 6.067  -8.140  0.379   1.00 10.00 ? 1  DC A H42    1 
ATOM 26  H H5     . DC A 1 1 ? 4.749  -9.801  -0.889  1.00 10.00 ? 1  DC A H5     1 
ATOM 27  H H6     . DC A 1 1 ? 2.405  -10.739 -1.081  1.00 10.00 ? 1  DC A H6     1 
ATOM 28  H "HO5'" . DC A 1 1 ? 1.604  -11.850 -2.452  1.00 10.00 ? 1  DC A "HO5'" 1 
ATOM 29  P P      . DG A 1 2 ? -3.904 -10.447 -1.222  1.00 10.00 ? 2  DG A P      1 
ATOM 30  O OP1    . DG A 1 2 ? -4.655 -11.676 -1.558  1.00 10.00 ? 2  DG A OP1    1 
ATOM 31  O OP2    . DG A 1 2 ? -3.741 -9.557  -2.392  1.00 10.00 ? 2  DG A OP2    1 
ATOM 32  O "O5'"  . DG A 1 2 ? -4.700 -9.650  -0.091  1.00 10.00 ? 2  DG A "O5'"  1 
ATOM 33  C "C5'"  . DG A 1 2 ? -5.109 -10.272 1.115   1.00 10.00 ? 2  DG A "C5'"  1 
ATOM 34  C "C4'"  . DG A 1 2 ? -5.347 -9.184  2.168   1.00 10.00 ? 2  DG A "C4'"  1 
ATOM 35  O "O4'"  . DG A 1 2 ? -4.146 -8.435  2.216   1.00 10.00 ? 2  DG A "O4'"  1 
ATOM 36  C "C3'"  . DG A 1 2 ? -6.493 -8.222  1.776   1.00 10.00 ? 2  DG A "C3'"  1 
ATOM 37  O "O3'"  . DG A 1 2 ? -7.181 -7.853  2.961   1.00 10.00 ? 2  DG A "O3'"  1 
ATOM 38  C "C2'"  . DG A 1 2 ? -5.749 -7.027  1.171   1.00 10.00 ? 2  DG A "C2'"  1 
ATOM 39  C "C1'"  . DG A 1 2 ? -4.387 -7.092  1.855   1.00 10.00 ? 2  DG A "C1'"  1 
ATOM 40  N N9     . DG A 1 2 ? -3.296 -6.635  0.951   1.00 10.00 ? 2  DG A N9     1 
ATOM 41  C C8     . DG A 1 2 ? -3.097 -6.931  -0.382  1.00 10.00 ? 2  DG A C8     1 
ATOM 42  N N7     . DG A 1 2 ? -1.947 -6.538  -0.850  1.00 10.00 ? 2  DG A N7     1 
ATOM 43  C C5     . DG A 1 2 ? -1.336 -5.932  0.237   1.00 10.00 ? 2  DG A C5     1 
ATOM 44  C C6     . DG A 1 2 ? -0.039 -5.353  0.354   1.00 10.00 ? 2  DG A C6     1 
ATOM 45  O O6     . DG A 1 2 ? 0.883  -5.388  -0.459  1.00 10.00 ? 2  DG A O6     1 
ATOM 46  N N1     . DG A 1 2 ? 0.145  -4.707  1.564   1.00 10.00 ? 2  DG A N1     1 
ATOM 47  C C2     . DG A 1 2 ? -0.772 -4.699  2.585   1.00 10.00 ? 2  DG A C2     1 
ATOM 48  N N2     . DG A 1 2 ? -0.487 -4.006  3.680   1.00 10.00 ? 2  DG A N2     1 
ATOM 49  N N3     . DG A 1 2 ? -1.950 -5.326  2.524   1.00 10.00 ? 2  DG A N3     1 
ATOM 50  C C4     . DG A 1 2 ? -2.177 -5.923  1.323   1.00 10.00 ? 2  DG A C4     1 
ATOM 51  H "H5'"  . DG A 1 2 ? -4.317 -10.928 1.480   1.00 10.00 ? 2  DG A "H5'"  1 
ATOM 52  H "H5''" . DG A 1 2 ? -6.013 -10.860 0.953   1.00 10.00 ? 2  DG A "H5''" 1 
ATOM 53  H "H4'"  . DG A 1 2 ? -5.474 -9.624  3.172   1.00 10.00 ? 2  DG A "H4'"  1 
ATOM 54  H "H3'"  . DG A 1 2 ? -7.198 -8.685  1.068   1.00 10.00 ? 2  DG A "H3'"  1 
ATOM 55  H "H2'"  . DG A 1 2 ? -5.725 -7.001  0.097   1.00 10.00 ? 2  DG A "H2'"  1 
ATOM 56  H "H2''" . DG A 1 2 ? -6.217 -6.087  1.338   1.00 10.00 ? 2  DG A "H2''" 1 
ATOM 57  H "H1'"  . DG A 1 2 ? -4.461 -6.564  2.812   1.00 10.00 ? 2  DG A "H1'"  1 
ATOM 58  H H8     . DG A 1 2 ? -3.814 -7.433  -1.025  1.00 10.00 ? 2  DG A H8     1 
ATOM 59  H H1     . DG A 1 2 ? 1.060  -4.276  1.689   1.00 10.00 ? 2  DG A H1     1 
ATOM 60  H H21    . DG A 1 2 ? 0.374  -3.473  3.738   1.00 10.00 ? 2  DG A H21    1 
ATOM 61  H H22    . DG A 1 2 ? -1.174 -3.950  4.414   1.00 10.00 ? 2  DG A H22    1 
ATOM 62  P P      . DT A 1 3 ? -8.342 -6.742  2.985   1.00 10.00 ? 3  DT A P      1 
ATOM 63  O OP1    . DT A 1 3 ? -9.222 -6.963  4.152   1.00 10.00 ? 3  DT A OP1    1 
ATOM 64  O OP2    . DT A 1 3 ? -9.078 -6.743  1.701   1.00 10.00 ? 3  DT A OP2    1 
ATOM 65  O "O5'"  . DT A 1 3 ? -7.554 -5.351  3.170   1.00 10.00 ? 3  DT A "O5'"  1 
ATOM 66  C "C5'"  . DT A 1 3 ? -6.696 -5.204  4.283   1.00 10.00 ? 3  DT A "C5'"  1 
ATOM 67  C "C4'"  . DT A 1 3 ? -5.738 -4.007  4.244   1.00 10.00 ? 3  DT A "C4'"  1 
ATOM 68  O "O4'"  . DT A 1 3 ? -4.728 -3.976  3.264   1.00 10.00 ? 3  DT A "O4'"  1 
ATOM 69  C "C3'"  . DT A 1 3 ? -6.382 -2.603  4.262   1.00 10.00 ? 3  DT A "C3'"  1 
ATOM 70  O "O3'"  . DT A 1 3 ? -5.912 -1.910  5.406   1.00 10.00 ? 3  DT A "O3'"  1 
ATOM 71  C "C2'"  . DT A 1 3 ? -5.862 -1.965  2.965   1.00 10.00 ? 3  DT A "C2'"  1 
ATOM 72  C "C1'"  . DT A 1 3 ? -4.457 -2.610  2.966   1.00 10.00 ? 3  DT A "C1'"  1 
ATOM 73  N N1     . DT A 1 3 ? -3.796 -2.565  1.651   1.00 10.00 ? 3  DT A N1     1 
ATOM 74  C C2     . DT A 1 3 ? -2.559 -1.947  1.501   1.00 10.00 ? 3  DT A C2     1 
ATOM 75  O O2     . DT A 1 3 ? -2.036 -1.250  2.366   1.00 10.00 ? 3  DT A O2     1 
ATOM 76  N N3     . DT A 1 3 ? -1.926 -2.155  0.294   1.00 10.00 ? 3  DT A N3     1 
ATOM 77  C C4     . DT A 1 3 ? -2.424 -2.881  -0.769  1.00 10.00 ? 3  DT A C4     1 
ATOM 78  O O4     . DT A 1 3 ? -1.734 -3.034  -1.773  1.00 10.00 ? 3  DT A O4     1 
ATOM 79  C C5     . DT A 1 3 ? -3.741 -3.454  -0.548  1.00 10.00 ? 3  DT A C5     1 
ATOM 80  C C7     . DT A 1 3 ? -4.430 -4.222  -1.660  1.00 10.00 ? 3  DT A C7     1 
ATOM 81  C C6     . DT A 1 3 ? -4.357 -3.289  0.647   1.00 10.00 ? 3  DT A C6     1 
ATOM 82  H "H5'"  . DT A 1 3 ? -6.081 -6.097  4.393   1.00 10.00 ? 3  DT A "H5'"  1 
ATOM 83  H "H5''" . DT A 1 3 ? -7.312 -5.117  5.179   1.00 10.00 ? 3  DT A "H5''" 1 
ATOM 84  H "H4'"  . DT A 1 3 ? -5.104 -4.253  5.092   1.00 10.00 ? 3  DT A "H4'"  1 
ATOM 85  H "H3'"  . DT A 1 3 ? -7.470 -2.673  4.265   1.00 10.00 ? 3  DT A "H3'"  1 
ATOM 86  H "H2'"  . DT A 1 3 ? -6.528 -2.261  2.118   1.00 10.00 ? 3  DT A "H2'"  1 
ATOM 87  H "H2''" . DT A 1 3 ? -5.823 -0.869  2.963   1.00 10.00 ? 3  DT A "H2''" 1 
ATOM 88  H "H1'"  . DT A 1 3 ? -3.800 -2.191  3.757   1.00 10.00 ? 3  DT A "H1'"  1 
ATOM 89  H H3     . DT A 1 3 ? -0.972 -1.806  0.223   1.00 10.00 ? 3  DT A H3     1 
ATOM 90  H H71    . DT A 1 3 ? -4.922 -3.513  -2.328  1.00 10.00 ? 3  DT A H71    1 
ATOM 91  H H72    . DT A 1 3 ? -3.687 -4.780  -2.233  1.00 10.00 ? 3  DT A H72    1 
ATOM 92  H H73    . DT A 1 3 ? -5.169 -4.915  -1.261  1.00 10.00 ? 3  DT A H73    1 
ATOM 93  H H6     . DT A 1 3 ? -5.286 -3.762  0.931   1.00 10.00 ? 3  DT A H6     1 
ATOM 94  P P      . DA A 1 4 ? -6.548 -0.519  5.894   1.00 10.00 ? 4  DA A P      1 
ATOM 95  O OP1    . DA A 1 4 ? -6.987 -0.641  7.301   1.00 10.00 ? 4  DA A OP1    1 
ATOM 96  O OP2    . DA A 1 4 ? -7.652 -0.124  4.992   1.00 10.00 ? 4  DA A OP2    1 
ATOM 97  O "O5'"  . DA A 1 4 ? -5.386 0.577   5.803   1.00 10.00 ? 4  DA A "O5'"  1 
ATOM 98  C "C5'"  . DA A 1 4 ? -4.316 0.570   6.732   1.00 10.00 ? 4  DA A "C5'"  1 
ATOM 99  C "C4'"  . DA A 1 4 ? -3.233 1.577   6.331   1.00 10.00 ? 4  DA A "C4'"  1 
ATOM 100 O "O4'"  . DA A 1 4 ? -2.771 1.213   5.032   1.00 10.00 ? 4  DA A "O4'"  1 
ATOM 101 C "C3'"  . DA A 1 4 ? -3.769 3.024   6.268   1.00 10.00 ? 4  DA A "C3'"  1 
ATOM 102 O "O3'"  . DA A 1 4 ? -3.037 3.936   7.072   1.00 10.00 ? 4  DA A "O3'"  1 
ATOM 103 C "C2'"  . DA A 1 4 ? -3.658 3.382   4.780   1.00 10.00 ? 4  DA A "C2'"  1 
ATOM 104 C "C1'"  . DA A 1 4 ? -2.699 2.347   4.189   1.00 10.00 ? 4  DA A "C1'"  1 
ATOM 105 N N9     . DA A 1 4 ? -3.051 2.020   2.789   1.00 10.00 ? 4  DA A N9     1 
ATOM 106 C C8     . DA A 1 4 ? -4.294 1.804   2.259   1.00 10.00 ? 4  DA A C8     1 
ATOM 107 N N7     . DA A 1 4 ? -4.303 1.376   1.027   1.00 10.00 ? 4  DA A N7     1 
ATOM 108 C C5     . DA A 1 4 ? -2.954 1.379   0.695   1.00 10.00 ? 4  DA A C5     1 
ATOM 109 C C6     . DA A 1 4 ? -2.261 1.042   -0.477  1.00 10.00 ? 4  DA A C6     1 
ATOM 110 N N6     . DA A 1 4 ? -2.881 0.496   -1.520  1.00 10.00 ? 4  DA A N6     1 
ATOM 111 N N1     . DA A 1 4 ? -0.940 1.271   -0.544  1.00 10.00 ? 4  DA A N1     1 
ATOM 112 C C2     . DA A 1 4 ? -0.338 1.806   0.514   1.00 10.00 ? 4  DA A C2     1 
ATOM 113 N N3     . DA A 1 4 ? -0.859 2.113   1.696   1.00 10.00 ? 4  DA A N3     1 
ATOM 114 C C4     . DA A 1 4 ? -2.190 1.851   1.731   1.00 10.00 ? 4  DA A C4     1 
ATOM 115 H "H5'"  . DA A 1 4 ? -3.866 -0.424  6.760   1.00 10.00 ? 4  DA A "H5'"  1 
ATOM 116 H "H5''" . DA A 1 4 ? -4.688 0.815   7.728   1.00 10.00 ? 4  DA A "H5''" 1 
ATOM 117 H "H4'"  . DA A 1 4 ? -2.412 1.483   7.064   1.00 10.00 ? 4  DA A "H4'"  1 
ATOM 118 H "H3'"  . DA A 1 4 ? -4.798 3.043   6.630   1.00 10.00 ? 4  DA A "H3'"  1 
ATOM 119 H "H2'"  . DA A 1 4 ? -4.597 3.539   4.254   1.00 10.00 ? 4  DA A "H2'"  1 
ATOM 120 H "H2''" . DA A 1 4 ? -3.193 4.328   4.671   1.00 10.00 ? 4  DA A "H2''" 1 
ATOM 121 H "H1'"  . DA A 1 4 ? -1.670 2.702   4.226   1.00 10.00 ? 4  DA A "H1'"  1 
ATOM 122 H H8     . DA A 1 4 ? -5.181 1.999   2.829   1.00 10.00 ? 4  DA A H8     1 
ATOM 123 H H61    . DA A 1 4 ? -2.364 0.189   -2.335  1.00 10.00 ? 4  DA A H61    1 
ATOM 124 H H62    . DA A 1 4 ? -3.884 0.402   -1.479  1.00 10.00 ? 4  DA A H62    1 
ATOM 125 H H2     . DA A 1 4 ? 0.717  2.003   0.423   1.00 10.00 ? 4  DA A H2     1 
ATOM 126 P P      . DC A 1 5 ? -3.499 5.479   7.225   1.00 10.00 ? 5  DC A P      1 
ATOM 127 O OP1    . DC A 1 5 ? -2.888 6.055   8.443   1.00 10.00 ? 5  DC A OP1    1 
ATOM 128 O OP2    . DC A 1 5 ? -4.977 5.555   7.249   1.00 10.00 ? 5  DC A OP2    1 
ATOM 129 O "O5'"  . DC A 1 5 ? -2.943 6.273   5.941   1.00 10.00 ? 5  DC A "O5'"  1 
ATOM 130 C "C5'"  . DC A 1 5 ? -1.556 6.507   5.823   1.00 10.00 ? 5  DC A "C5'"  1 
ATOM 131 C "C4'"  . DC A 1 5 ? -0.993 6.452   4.391   1.00 10.00 ? 5  DC A "C4'"  1 
ATOM 132 O "O4'"  . DC A 1 5 ? -1.248 5.382   3.528   1.00 10.00 ? 5  DC A "O4'"  1 
ATOM 133 C "C3'"  . DC A 1 5 ? -0.657 7.731   3.616   1.00 10.00 ? 5  DC A "C3'"  1 
ATOM 134 O "O3'"  . DC A 1 5 ? 0.648  8.197   3.915   1.00 10.00 ? 5  DC A "O3'"  1 
ATOM 135 C "C2'"  . DC A 1 5 ? -0.859 7.300   2.143   1.00 10.00 ? 5  DC A "C2'"  1 
ATOM 136 C "C1'"  . DC A 1 5 ? -0.797 5.767   2.237   1.00 10.00 ? 5  DC A "C1'"  1 
ATOM 137 N N1     . DC A 1 5 ? -1.765 5.228   1.274   1.00 10.00 ? 5  DC A N1     1 
ATOM 138 C C2     . DC A 1 5 ? -1.349 4.825   0.016   1.00 10.00 ? 5  DC A C2     1 
ATOM 139 O O2     . DC A 1 5 ? -0.162 4.827   -0.302  1.00 10.00 ? 5  DC A O2     1 
ATOM 140 N N3     . DC A 1 5 ? -2.288 4.420   -0.879  1.00 10.00 ? 5  DC A N3     1 
ATOM 141 C C4     . DC A 1 5 ? -3.588 4.507   -0.578  1.00 10.00 ? 5  DC A C4     1 
ATOM 142 N N4     . DC A 1 5 ? -4.456 4.025   -1.456  1.00 10.00 ? 5  DC A N4     1 
ATOM 143 C C5     . DC A 1 5 ? -4.041 5.039   0.673   1.00 10.00 ? 5  DC A C5     1 
ATOM 144 C C6     . DC A 1 5 ? -3.086 5.361   1.576   1.00 10.00 ? 5  DC A C6     1 
ATOM 145 H "H5'"  . DC A 1 5 ? -1.030 5.740   6.399   1.00 10.00 ? 5  DC A "H5'"  1 
ATOM 146 H "H5''" . DC A 1 5 ? -1.316 7.471   6.274   1.00 10.00 ? 5  DC A "H5''" 1 
ATOM 147 H "H4'"  . DC A 1 5 ? -0.061 6.025   4.633   1.00 10.00 ? 5  DC A "H4'"  1 
ATOM 148 H "H3'"  . DC A 1 5 ? -1.421 8.425   3.978   1.00 10.00 ? 5  DC A "H3'"  1 
ATOM 149 H "H2'"  . DC A 1 5 ? -1.855 7.640   1.860   1.00 10.00 ? 5  DC A "H2'"  1 
ATOM 150 H "H2''" . DC A 1 5 ? -0.146 7.612   1.344   1.00 10.00 ? 5  DC A "H2''" 1 
ATOM 151 H "H1'"  . DC A 1 5 ? 0.223  5.409   2.092   1.00 10.00 ? 5  DC A "H1'"  1 
ATOM 152 H H41    . DC A 1 5 ? -4.087 3.586   -2.292  1.00 10.00 ? 5  DC A H41    1 
ATOM 153 H H42    . DC A 1 5 ? -5.444 4.045   -1.272  1.00 10.00 ? 5  DC A H42    1 
ATOM 154 H H5     . DC A 1 5 ? -5.078 5.253   0.875   1.00 10.00 ? 5  DC A H5     1 
ATOM 155 H H6     . DC A 1 5 ? -3.270 5.760   2.575   1.00 10.00 ? 5  DC A H6     1 
ATOM 156 P P      . DG A 1 6 ? 0.984  9.767   4.045   1.00 10.00 ? 6  DG A P      1 
ATOM 157 O OP1    . DG A 1 6 ? 2.097  9.935   5.005   1.00 10.00 ? 6  DG A OP1    1 
ATOM 158 O OP2    . DG A 1 6 ? -0.227 10.504  4.470   1.00 10.00 ? 6  DG A OP2    1 
ATOM 159 O "O5'"  . DG A 1 6 ? 1.457  10.322  2.622   1.00 10.00 ? 6  DG A "O5'"  1 
ATOM 160 C "C5'"  . DG A 1 6 ? 2.762  10.037  2.159   1.00 10.00 ? 6  DG A "C5'"  1 
ATOM 161 C "C4'"  . DG A 1 6 ? 2.917  10.371  0.674   1.00 10.00 ? 6  DG A "C4'"  1 
ATOM 162 O "O4'"  . DG A 1 6 ? 1.861  9.753   -0.025  1.00 10.00 ? 6  DG A "O4'"  1 
ATOM 163 C "C3'"  . DG A 1 6 ? 2.861  11.877  0.342   1.00 10.00 ? 6  DG A "C3'"  1 
ATOM 164 O "O3'"  . DG A 1 6 ? 3.952  12.218  -0.487  1.00 10.00 ? 6  DG A "O3'"  1 
ATOM 165 C "C2'"  . DG A 1 6 ? 1.538  12.130  -0.411  1.00 10.00 ? 6  DG A "C2'"  1 
ATOM 166 C "C1'"  . DG A 1 6 ? 1.137  10.687  -0.805  1.00 10.00 ? 6  DG A "C1'"  1 
ATOM 167 N N9     . DG A 1 6 ? -0.294 10.349  -0.590  1.00 10.00 ? 6  DG A N9     1 
ATOM 168 C C8     . DG A 1 6 ? -1.169 10.726  0.411   1.00 10.00 ? 6  DG A C8     1 
ATOM 169 N N7     . DG A 1 6 ? -2.307 10.083  0.382   1.00 10.00 ? 6  DG A N7     1 
ATOM 170 C C5     . DG A 1 6 ? -2.176 9.198   -0.685  1.00 10.00 ? 6  DG A C5     1 
ATOM 171 C C6     . DG A 1 6 ? -3.069 8.204   -1.193  1.00 10.00 ? 6  DG A C6     1 
ATOM 172 O O6     . DG A 1 6 ? -4.183 7.892   -0.778  1.00 10.00 ? 6  DG A O6     1 
ATOM 173 N N1     . DG A 1 6 ? -2.563 7.538   -2.301  1.00 10.00 ? 6  DG A N1     1 
ATOM 174 C C2     . DG A 1 6 ? -1.303 7.737   -2.807  1.00 10.00 ? 6  DG A C2     1 
ATOM 175 N N2     . DG A 1 6 ? -0.922 7.018   -3.857  1.00 10.00 ? 6  DG A N2     1 
ATOM 176 N N3     . DG A 1 6 ? -0.450 8.646   -2.327  1.00 10.00 ? 6  DG A N3     1 
ATOM 177 C C4     . DG A 1 6 ? -0.947 9.350   -1.275  1.00 10.00 ? 6  DG A C4     1 
ATOM 178 H "H5'"  . DG A 1 6 ? 2.953  8.969   2.278   1.00 10.00 ? 6  DG A "H5'"  1 
ATOM 179 H "H5''" . DG A 1 6 ? 3.500  10.590  2.743   1.00 10.00 ? 6  DG A "H5''" 1 
ATOM 180 H "H4'"  . DG A 1 6 ? 3.864  9.899   0.356   1.00 10.00 ? 6  DG A "H4'"  1 
ATOM 181 H "H3'"  . DG A 1 6 ? 2.913  12.460  1.266   1.00 10.00 ? 6  DG A "H3'"  1 
ATOM 182 H "HO3'" . DG A 1 6 ? 3.907  11.688  -1.286  1.00 10.00 ? 6  DG A "HO3'" 1 
ATOM 183 H "H2'"  . DG A 1 6 ? 0.797  12.802  0.087   1.00 10.00 ? 6  DG A "H2'"  1 
ATOM 184 H "H2''" . DG A 1 6 ? 1.772  12.643  -1.346  1.00 10.00 ? 6  DG A "H2''" 1 
ATOM 185 H "H1'"  . DG A 1 6 ? 1.446  10.472  -1.843  1.00 10.00 ? 6  DG A "H1'"  1 
ATOM 186 H H8     . DG A 1 6 ? -0.979 11.482  1.171   1.00 10.00 ? 6  DG A H8     1 
ATOM 187 H H1     . DG A 1 6 ? -3.203 6.911   -2.791  1.00 10.00 ? 6  DG A H1     1 
ATOM 188 H H21    . DG A 1 6 ? -1.553 6.363   -4.301  1.00 10.00 ? 6  DG A H21    1 
ATOM 189 H H22    . DG A 1 6 ? 0.014  7.140   -4.209  1.00 10.00 ? 6  DG A H22    1 
ATOM 190 O "O5'"  . DC B 1 1 ? -7.635 4.213   -8.968  1.00 10.00 ? 7  DC B "O5'"  1 
ATOM 191 C "C5'"  . DC B 1 1 ? -6.928 4.910   -9.971  1.00 10.00 ? 7  DC B "C5'"  1 
ATOM 192 C "C4'"  . DC B 1 1 ? -5.435 5.038   -9.642  1.00 10.00 ? 7  DC B "C4'"  1 
ATOM 193 O "O4'"  . DC B 1 1 ? -5.256 5.841   -8.476  1.00 10.00 ? 7  DC B "O4'"  1 
ATOM 194 C "C3'"  . DC B 1 1 ? -4.797 3.650   -9.330  1.00 10.00 ? 7  DC B "C3'"  1 
ATOM 195 O "O3'"  . DC B 1 1 ? -3.495 3.719   -9.887  1.00 10.00 ? 7  DC B "O3'"  1 
ATOM 196 C "C2'"  . DC B 1 1 ? -4.822 3.654   -7.791  1.00 10.00 ? 7  DC B "C2'"  1 
ATOM 197 C "C1'"  . DC B 1 1 ? -4.534 5.117   -7.482  1.00 10.00 ? 7  DC B "C1'"  1 
ATOM 198 N N1     . DC B 1 1 ? -4.939 5.478   -6.108  1.00 10.00 ? 7  DC B N1     1 
ATOM 199 C C2     . DC B 1 1 ? -4.010 5.665   -5.091  1.00 10.00 ? 7  DC B C2     1 
ATOM 200 O O2     . DC B 1 1 ? -2.811 5.468   -5.271  1.00 10.00 ? 7  DC B O2     1 
ATOM 201 N N3     . DC B 1 1 ? -4.452 6.098   -3.872  1.00 10.00 ? 7  DC B N3     1 
ATOM 202 C C4     . DC B 1 1 ? -5.764 6.267   -3.656  1.00 10.00 ? 7  DC B C4     1 
ATOM 203 N N4     . DC B 1 1 ? -6.155 6.718   -2.469  1.00 10.00 ? 7  DC B N4     1 
ATOM 204 C C5     . DC B 1 1 ? -6.738 6.028   -4.681  1.00 10.00 ? 7  DC B C5     1 
ATOM 205 C C6     . DC B 1 1 ? -6.255 5.646   -5.886  1.00 10.00 ? 7  DC B C6     1 
ATOM 206 H "H5'"  . DC B 1 1 ? -7.360 5.905   -10.083 1.00 10.00 ? 7  DC B "H5'"  1 
ATOM 207 H "H5''" . DC B 1 1 ? -7.039 4.371   -10.913 1.00 10.00 ? 7  DC B "H5''" 1 
ATOM 208 H "H4'"  . DC B 1 1 ? -4.997 5.617   -10.490 1.00 10.00 ? 7  DC B "H4'"  1 
ATOM 209 H "H3'"  . DC B 1 1 ? -5.320 2.759   -9.734  1.00 10.00 ? 7  DC B "H3'"  1 
ATOM 210 H "H2'"  . DC B 1 1 ? -5.802 3.394   -7.380  1.00 10.00 ? 7  DC B "H2'"  1 
ATOM 211 H "H2''" . DC B 1 1 ? -4.114 2.981   -7.327  1.00 10.00 ? 7  DC B "H2''" 1 
ATOM 212 H "H1'"  . DC B 1 1 ? -3.506 5.372   -7.579  1.00 10.00 ? 7  DC B "H1'"  1 
ATOM 213 H H41    . DC B 1 1 ? -5.453 7.019   -1.804  1.00 10.00 ? 7  DC B H41    1 
ATOM 214 H H42    . DC B 1 1 ? -7.130 6.878   -2.282  1.00 10.00 ? 7  DC B H42    1 
ATOM 215 H H5     . DC B 1 1 ? -7.802 6.157   -4.548  1.00 10.00 ? 7  DC B H5     1 
ATOM 216 H H6     . DC B 1 1 ? -6.822 5.447   -6.773  1.00 10.00 ? 7  DC B H6     1 
ATOM 217 H "HO5'" . DC B 1 1 ? -8.559 4.161   -9.225  1.00 10.00 ? 7  DC B "HO5'" 1 
ATOM 218 P P      . DG B 1 2 ? -2.785 2.453   -10.578 1.00 10.00 ? 8  DG B P      1 
ATOM 219 O OP1    . DG B 1 2 ? -3.053 2.472   -12.032 1.00 10.00 ? 8  DG B OP1    1 
ATOM 220 O OP2    . DG B 1 2 ? -3.252 1.204   -9.942  1.00 10.00 ? 8  DG B OP2    1 
ATOM 221 O "O5'"  . DG B 1 2 ? -1.211 2.580   -10.345 1.00 10.00 ? 8  DG B "O5'"  1 
ATOM 222 C "C5'"  . DG B 1 2 ? -0.447 3.620   -10.930 1.00 10.00 ? 8  DG B "C5'"  1 
ATOM 223 C "C4'"  . DG B 1 2 ? 0.845  3.790   -10.123 1.00 10.00 ? 8  DG B "C4'"  1 
ATOM 224 O "O4'"  . DG B 1 2 ? 0.431  3.982   -8.782  1.00 10.00 ? 8  DG B "O4'"  1 
ATOM 225 C "C3'"  . DG B 1 2 ? 1.743  2.533   -10.171 1.00 10.00 ? 8  DG B "C3'"  1 
ATOM 226 O "O3'"  . DG B 1 2 ? 3.096  2.960   -10.182 1.00 10.00 ? 8  DG B "O3'"  1 
ATOM 227 C "C2'"  . DG B 1 2 ? 1.399  1.813   -8.863  1.00 10.00 ? 8  DG B "C2'"  1 
ATOM 228 C "C1'"  . DG B 1 2 ? 0.935  2.951   -7.959  1.00 10.00 ? 8  DG B "C1'"  1 
ATOM 229 N N9     . DG B 1 2 ? -0.139 2.511   -7.030  1.00 10.00 ? 8  DG B N9     1 
ATOM 230 C C8     . DG B 1 2 ? -1.242 1.723   -7.292  1.00 10.00 ? 8  DG B C8     1 
ATOM 231 N N7     . DG B 1 2 ? -2.105 1.671   -6.319  1.00 10.00 ? 8  DG B N7     1 
ATOM 232 C C5     . DG B 1 2 ? -1.543 2.470   -5.333  1.00 10.00 ? 8  DG B C5     1 
ATOM 233 C C6     . DG B 1 2 ? -2.049 2.837   -4.053  1.00 10.00 ? 8  DG B C6     1 
ATOM 234 O O6     . DG B 1 2 ? -3.170 2.632   -3.593  1.00 10.00 ? 8  DG B O6     1 
ATOM 235 N N1     . DG B 1 2 ? -1.119 3.527   -3.294  1.00 10.00 ? 8  DG B N1     1 
ATOM 236 C C2     . DG B 1 2 ? 0.120  3.907   -3.747  1.00 10.00 ? 8  DG B C2     1 
ATOM 237 N N2     . DG B 1 2 ? 0.933  4.530   -2.902  1.00 10.00 ? 8  DG B N2     1 
ATOM 238 N N3     . DG B 1 2 ? 0.564  3.656   -4.982  1.00 10.00 ? 8  DG B N3     1 
ATOM 239 C C4     . DG B 1 2 ? -0.311 2.931   -5.729  1.00 10.00 ? 8  DG B C4     1 
ATOM 240 H "H5'"  . DG B 1 2 ? -1.003 4.559   -10.882 1.00 10.00 ? 8  DG B "H5'"  1 
ATOM 241 H "H5''" . DG B 1 2 ? -0.228 3.389   -11.973 1.00 10.00 ? 8  DG B "H5''" 1 
ATOM 242 H "H4'"  . DG B 1 2 ? 1.375  4.713   -10.414 1.00 10.00 ? 8  DG B "H4'"  1 
ATOM 243 H "H3'"  . DG B 1 2 ? 1.544  1.915   -11.061 1.00 10.00 ? 8  DG B "H3'"  1 
ATOM 244 H "H2'"  . DG B 1 2 ? 0.712  0.992   -8.961  1.00 10.00 ? 8  DG B "H2'"  1 
ATOM 245 H "H2''" . DG B 1 2 ? 2.210  1.283   -8.424  1.00 10.00 ? 8  DG B "H2''" 1 
ATOM 246 H "H1'"  . DG B 1 2 ? 1.819  3.393   -7.487  1.00 10.00 ? 8  DG B "H1'"  1 
ATOM 247 H H8     . DG B 1 2 ? -1.410 1.168   -8.209  1.00 10.00 ? 8  DG B H8     1 
ATOM 248 H H1     . DG B 1 2 ? -1.440 3.809   -2.369  1.00 10.00 ? 8  DG B H1     1 
ATOM 249 H H21    . DG B 1 2 ? 0.648  4.688   -1.942  1.00 10.00 ? 8  DG B H21    1 
ATOM 250 H H22    . DG B 1 2 ? 1.862  4.766   -3.207  1.00 10.00 ? 8  DG B H22    1 
ATOM 251 P P      . DT B 1 3 ? 4.334  1.939   -10.073 1.00 10.00 ? 9  DT B P      1 
ATOM 252 O OP1    . DT B 1 3 ? 5.543  2.557   -10.659 1.00 10.00 ? 9  DT B OP1    1 
ATOM 253 O OP2    . DT B 1 3 ? 3.987  0.646   -10.702 1.00 10.00 ? 9  DT B OP2    1 
ATOM 254 O "O5'"  . DT B 1 3 ? 4.549  1.745   -8.491  1.00 10.00 ? 9  DT B "O5'"  1 
ATOM 255 C "C5'"  . DT B 1 3 ? 4.773  2.890   -7.693  1.00 10.00 ? 9  DT B "C5'"  1 
ATOM 256 C "C4'"  . DT B 1 3 ? 4.650  2.694   -6.177  1.00 10.00 ? 9  DT B "C4'"  1 
ATOM 257 O "O4'"  . DT B 1 3 ? 3.394  2.368   -5.633  1.00 10.00 ? 9  DT B "O4'"  1 
ATOM 258 C "C3'"  . DT B 1 3 ? 5.681  1.754   -5.514  1.00 10.00 ? 9  DT B "C3'"  1 
ATOM 259 O "O3'"  . DT B 1 3 ? 6.405  2.493   -4.544  1.00 10.00 ? 9  DT B "O3'"  1 
ATOM 260 C "C2'"  . DT B 1 3 ? 4.798  0.682   -4.860  1.00 10.00 ? 9  DT B "C2'"  1 
ATOM 261 C "C1'"  . DT B 1 3 ? 3.621  1.599   -4.455  1.00 10.00 ? 9  DT B "C1'"  1 
ATOM 262 N N1     . DT B 1 3 ? 2.382  0.858   -4.162  1.00 10.00 ? 9  DT B N1     1 
ATOM 263 C C2     . DT B 1 3 ? 1.762  0.978   -2.924  1.00 10.00 ? 9  DT B C2     1 
ATOM 264 O O2     . DT B 1 3 ? 2.277  1.527   -1.954  1.00 10.00 ? 9  DT B O2     1 
ATOM 265 N N3     . DT B 1 3 ? 0.499  0.433   -2.827  1.00 10.00 ? 9  DT B N3     1 
ATOM 266 C C4     . DT B 1 3 ? -0.172 -0.243  -3.827  1.00 10.00 ? 9  DT B C4     1 
ATOM 267 O O4     . DT B 1 3 ? -1.316 -0.637  -3.627  1.00 10.00 ? 9  DT B O4     1 
ATOM 268 C C5     . DT B 1 3 ? 0.563  -0.364  -5.075  1.00 10.00 ? 9  DT B C5     1 
ATOM 269 C C7     . DT B 1 3 ? -0.035 -1.137  -6.234  1.00 10.00 ? 9  DT B C7     1 
ATOM 270 C C6     . DT B 1 3 ? 1.789  0.203   -5.196  1.00 10.00 ? 9  DT B C6     1 
ATOM 271 H "H5'"  . DT B 1 3 ? 4.065  3.673   -7.967  1.00 10.00 ? 9  DT B "H5'"  1 
ATOM 272 H "H5''" . DT B 1 3 ? 5.775  3.264   -7.908  1.00 10.00 ? 9  DT B "H5''" 1 
ATOM 273 H "H4'"  . DT B 1 3 ? 4.677  3.730   -5.855  1.00 10.00 ? 9  DT B "H4'"  1 
ATOM 274 H "H3'"  . DT B 1 3 ? 6.351  1.321   -6.259  1.00 10.00 ? 9  DT B "H3'"  1 
ATOM 275 H "H2'"  . DT B 1 3 ? 4.557  -0.100  -5.619  1.00 10.00 ? 9  DT B "H2'"  1 
ATOM 276 H "H2''" . DT B 1 3 ? 5.244  0.163   -4.001  1.00 10.00 ? 9  DT B "H2''" 1 
ATOM 277 H "H1'"  . DT B 1 3 ? 3.884  2.281   -3.620  1.00 10.00 ? 9  DT B "H1'"  1 
ATOM 278 H H3     . DT B 1 3 ? -0.004 0.621   -1.962  1.00 10.00 ? 9  DT B H3     1 
ATOM 279 H H71    . DT B 1 3 ? 0.391  -0.816  -7.185  1.00 10.00 ? 9  DT B H71    1 
ATOM 280 H H72    . DT B 1 3 ? 0.162  -2.199  -6.092  1.00 10.00 ? 9  DT B H72    1 
ATOM 281 H H73    . DT B 1 3 ? -1.115 -0.983  -6.257  1.00 10.00 ? 9  DT B H73    1 
ATOM 282 H H6     . DT B 1 3 ? 2.357  0.249   -6.112  1.00 10.00 ? 9  DT B H6     1 
ATOM 283 P P      . DA B 1 4 ? 7.722  1.920   -3.830  1.00 10.00 ? 10 DA B P      1 
ATOM 284 O OP1    . DA B 1 4 ? 8.844  2.863   -4.025  1.00 10.00 ? 10 DA B OP1    1 
ATOM 285 O OP2    . DA B 1 4 ? 8.028  0.566   -4.344  1.00 10.00 ? 10 DA B OP2    1 
ATOM 286 O "O5'"  . DA B 1 4 ? 7.393  1.818   -2.267  1.00 10.00 ? 10 DA B "O5'"  1 
ATOM 287 C "C5'"  . DA B 1 4 ? 7.294  2.989   -1.475  1.00 10.00 ? 10 DA B "C5'"  1 
ATOM 288 C "C4'"  . DA B 1 4 ? 6.779  2.661   -0.069  1.00 10.00 ? 10 DA B "C4'"  1 
ATOM 289 O "O4'"  . DA B 1 4 ? 5.501  2.047   -0.215  1.00 10.00 ? 10 DA B "O4'"  1 
ATOM 290 C "C3'"  . DA B 1 4 ? 7.705  1.681   0.682   1.00 10.00 ? 10 DA B "C3'"  1 
ATOM 291 O "O3'"  . DA B 1 4 ? 8.142  2.167   1.944   1.00 10.00 ? 10 DA B "O3'"  1 
ATOM 292 C "C2'"  . DA B 1 4 ? 6.843  0.423   0.841   1.00 10.00 ? 10 DA B "C2'"  1 
ATOM 293 C "C1'"  . DA B 1 4 ? 5.407  0.886   0.589   1.00 10.00 ? 10 DA B "C1'"  1 
ATOM 294 N N9     . DA B 1 4 ? 4.602  -0.173  -0.059  1.00 10.00 ? 10 DA B N9     1 
ATOM 295 C C8     . DA B 1 4 ? 4.967  -1.007  -1.080  1.00 10.00 ? 10 DA B C8     1 
ATOM 296 N N7     . DA B 1 4 ? 4.006  -1.742  -1.564  1.00 10.00 ? 10 DA B N7     1 
ATOM 297 C C5     . DA B 1 4 ? 2.932  -1.416  -0.745  1.00 10.00 ? 10 DA B C5     1 
ATOM 298 C C6     . DA B 1 4 ? 1.598  -1.849  -0.706  1.00 10.00 ? 10 DA B C6     1 
ATOM 299 N N6     . DA B 1 4 ? 1.097  -2.648  -1.645  1.00 10.00 ? 10 DA B N6     1 
ATOM 300 N N1     . DA B 1 4 ? 0.808  -1.443  0.300   1.00 10.00 ? 10 DA B N1     1 
ATOM 301 C C2     . DA B 1 4 ? 1.326  -0.634  1.222   1.00 10.00 ? 10 DA B C2     1 
ATOM 302 N N3     . DA B 1 4 ? 2.543  -0.107  1.270   1.00 10.00 ? 10 DA B N3     1 
ATOM 303 C C4     . DA B 1 4 ? 3.303  -0.526  0.228   1.00 10.00 ? 10 DA B C4     1 
ATOM 304 H "H5'"  . DA B 1 4 ? 6.595  3.685   -1.942  1.00 10.00 ? 10 DA B "H5'"  1 
ATOM 305 H "H5''" . DA B 1 4 ? 8.271  3.469   -1.400  1.00 10.00 ? 10 DA B "H5''" 1 
ATOM 306 H "H4'"  . DA B 1 4 ? 6.679  3.618   0.472   1.00 10.00 ? 10 DA B "H4'"  1 
ATOM 307 H "H3'"  . DA B 1 4 ? 8.603  1.505   0.088   1.00 10.00 ? 10 DA B "H3'"  1 
ATOM 308 H "H2'"  . DA B 1 4 ? 7.178  -0.459  0.298   1.00 10.00 ? 10 DA B "H2'"  1 
ATOM 309 H "H2''" . DA B 1 4 ? 6.883  0.082   1.844   1.00 10.00 ? 10 DA B "H2''" 1 
ATOM 310 H "H1'"  . DA B 1 4 ? 4.924  1.186   1.517   1.00 10.00 ? 10 DA B "H1'"  1 
ATOM 311 H H8     . DA B 1 4 ? 5.982  -1.051  -1.425  1.00 10.00 ? 10 DA B H8     1 
ATOM 312 H H61    . DA B 1 4 ? 0.117  -2.899  -1.650  1.00 10.00 ? 10 DA B H61    1 
ATOM 313 H H62    . DA B 1 4 ? 1.725  -3.003  -2.349  1.00 10.00 ? 10 DA B H62    1 
ATOM 314 H H2     . DA B 1 4 ? 0.677  -0.346  2.030   1.00 10.00 ? 10 DA B H2     1 
ATOM 315 P P      . DC B 1 5 ? 9.200  1.336   2.842   1.00 10.00 ? 11 DC B P      1 
ATOM 316 O OP1    . DC B 1 5 ? 9.831  2.248   3.822   1.00 10.00 ? 11 DC B OP1    1 
ATOM 317 O OP2    . DC B 1 5 ? 10.193 0.682   1.962   1.00 10.00 ? 11 DC B OP2    1 
ATOM 318 O "O5'"  . DC B 1 5 ? 8.370  0.213   3.641   1.00 10.00 ? 11 DC B "O5'"  1 
ATOM 319 C "C5'"  . DC B 1 5 ? 7.509  0.607   4.689   1.00 10.00 ? 11 DC B "C5'"  1 
ATOM 320 C "C4'"  . DC B 1 5 ? 6.213  -0.213  4.827   1.00 10.00 ? 11 DC B "C4'"  1 
ATOM 321 O "O4'"  . DC B 1 5 ? 5.366  -0.461  3.742   1.00 10.00 ? 11 DC B "O4'"  1 
ATOM 322 C "C3'"  . DC B 1 5 ? 6.055  -1.280  5.917   1.00 10.00 ? 11 DC B "C3'"  1 
ATOM 323 O "O3'"  . DC B 1 5 ? 5.612  -0.717  7.141   1.00 10.00 ? 11 DC B "O3'"  1 
ATOM 324 C "C2'"  . DC B 1 5 ? 5.061  -2.278  5.276   1.00 10.00 ? 11 DC B "C2'"  1 
ATOM 325 C "C1'"  . DC B 1 5 ? 4.422  -1.436  4.161   1.00 10.00 ? 11 DC B "C1'"  1 
ATOM 326 N N1     . DC B 1 5 ? 4.196  -2.325  3.014   1.00 10.00 ? 11 DC B N1     1 
ATOM 327 C C2     . DC B 1 5 ? 2.956  -2.908  2.816   1.00 10.00 ? 11 DC B C2     1 
ATOM 328 O O2     . DC B 1 5 ? 1.996  -2.640  3.532   1.00 10.00 ? 11 DC B O2     1 
ATOM 329 N N3     . DC B 1 5 ? 2.814  -3.801  1.799   1.00 10.00 ? 11 DC B N3     1 
ATOM 330 C C4     . DC B 1 5 ? 3.875  -4.173  1.077   1.00 10.00 ? 11 DC B C4     1 
ATOM 331 N N4     . DC B 1 5 ? 3.665  -4.985  0.051   1.00 10.00 ? 11 DC B N4     1 
ATOM 332 C C5     . DC B 1 5 ? 5.190  -3.673  1.349   1.00 10.00 ? 11 DC B C5     1 
ATOM 333 C C6     . DC B 1 5 ? 5.292  -2.728  2.314   1.00 10.00 ? 11 DC B C6     1 
ATOM 334 H "H5'"  . DC B 1 5 ? 7.210  1.643   4.514   1.00 10.00 ? 11 DC B "H5'"  1 
ATOM 335 H "H5''" . DC B 1 5 ? 8.059  0.582   5.631   1.00 10.00 ? 11 DC B "H5''" 1 
ATOM 336 H "H4'"  . DC B 1 5 ? 5.587  0.579   5.127   1.00 10.00 ? 11 DC B "H4'"  1 
ATOM 337 H "H3'"  . DC B 1 5 ? 7.073  -1.672  6.004   1.00 10.00 ? 11 DC B "H3'"  1 
ATOM 338 H "H2'"  . DC B 1 5 ? 5.663  -3.088  4.865   1.00 10.00 ? 11 DC B "H2'"  1 
ATOM 339 H "H2''" . DC B 1 5 ? 4.232  -2.730  5.869   1.00 10.00 ? 11 DC B "H2''" 1 
ATOM 340 H "H1'"  . DC B 1 5 ? 3.521  -0.934  4.519   1.00 10.00 ? 11 DC B "H1'"  1 
ATOM 341 H H41    . DC B 1 5 ? 2.709  -5.251  -0.152  1.00 10.00 ? 11 DC B H41    1 
ATOM 342 H H42    . DC B 1 5 ? 4.424  -5.284  -0.537  1.00 10.00 ? 11 DC B H42    1 
ATOM 343 H H5     . DC B 1 5 ? 6.074  -4.069  0.879   1.00 10.00 ? 11 DC B H5     1 
ATOM 344 H H6     . DC B 1 5 ? 6.217  -2.241  2.625   1.00 10.00 ? 11 DC B H6     1 
ATOM 345 P P      . DG B 1 6 ? 6.151  -1.245  8.565   1.00 10.00 ? 12 DG B P      1 
ATOM 346 O OP1    . DG B 1 6 ? 6.120  -0.121  9.526   1.00 10.00 ? 12 DG B OP1    1 
ATOM 347 O OP2    . DG B 1 6 ? 7.512  -1.801  8.410   1.00 10.00 ? 12 DG B OP2    1 
ATOM 348 O "O5'"  . DG B 1 6 ? 5.177  -2.394  9.101   1.00 10.00 ? 12 DG B "O5'"  1 
ATOM 349 C "C5'"  . DG B 1 6 ? 3.922  -2.048  9.652   1.00 10.00 ? 12 DG B "C5'"  1 
ATOM 350 C "C4'"  . DG B 1 6 ? 3.019  -3.273  9.810   1.00 10.00 ? 12 DG B "C4'"  1 
ATOM 351 O "O4'"  . DG B 1 6 ? 2.991  -3.957  8.579   1.00 10.00 ? 12 DG B "O4'"  1 
ATOM 352 C "C3'"  . DG B 1 6 ? 3.485  -4.283  10.880  1.00 10.00 ? 12 DG B "C3'"  1 
ATOM 353 O "O3'"  . DG B 1 6 ? 2.404  -4.607  11.729  1.00 10.00 ? 12 DG B "O3'"  1 
ATOM 354 C "C2'"  . DG B 1 6 ? 3.958  -5.550  10.137  1.00 10.00 ? 12 DG B "C2'"  1 
ATOM 355 C "C1'"  . DG B 1 6 ? 3.347  -5.320  8.733   1.00 10.00 ? 12 DG B "C1'"  1 
ATOM 356 N N9     . DG B 1 6 ? 4.256  -5.614  7.594   1.00 10.00 ? 12 DG B N9     1 
ATOM 357 C C8     . DG B 1 6 ? 5.616  -5.418  7.452   1.00 10.00 ? 12 DG B C8     1 
ATOM 358 N N7     . DG B 1 6 ? 6.050  -5.618  6.236   1.00 10.00 ? 12 DG B N7     1 
ATOM 359 C C5     . DG B 1 6 ? 4.907  -5.940  5.510   1.00 10.00 ? 12 DG B C5     1 
ATOM 360 C C6     . DG B 1 6 ? 4.729  -6.229  4.121   1.00 10.00 ? 12 DG B C6     1 
ATOM 361 O O6     . DG B 1 6 ? 5.574  -6.240  3.227   1.00 10.00 ? 12 DG B O6     1 
ATOM 362 N N1     . DG B 1 6 ? 3.414  -6.530  3.796   1.00 10.00 ? 12 DG B N1     1 
ATOM 363 C C2     . DG B 1 6 ? 2.369  -6.467  4.684   1.00 10.00 ? 12 DG B C2     1 
ATOM 364 N N2     . DG B 1 6 ? 1.149  -6.755  4.247   1.00 10.00 ? 12 DG B N2     1 
ATOM 365 N N3     . DG B 1 6 ? 2.518  -6.174  5.977   1.00 10.00 ? 12 DG B N3     1 
ATOM 366 C C4     . DG B 1 6 ? 3.809  -5.932  6.332   1.00 10.00 ? 12 DG B C4     1 
ATOM 367 H "H5'"  . DG B 1 6 ? 3.419  -1.354  8.975   1.00 10.00 ? 12 DG B "H5'"  1 
ATOM 368 H "H5''" . DG B 1 6 ? 4.054  -1.557  10.617  1.00 10.00 ? 12 DG B "H5''" 1 
ATOM 369 H "H4'"  . DG B 1 6 ? 2.008  -2.875  10.010  1.00 10.00 ? 12 DG B "H4'"  1 
ATOM 370 H "H3'"  . DG B 1 6 ? 4.292  -3.842  11.473  1.00 10.00 ? 12 DG B "H3'"  1 
ATOM 371 H "HO3'" . DG B 1 6 ? 2.112  -3.805  12.170  1.00 10.00 ? 12 DG B "HO3'" 1 
ATOM 372 H "H2'"  . DG B 1 6 ? 5.036  -5.821  10.242  1.00 10.00 ? 12 DG B "H2'"  1 
ATOM 373 H "H2''" . DG B 1 6 ? 3.427  -6.407  10.557  1.00 10.00 ? 12 DG B "H2''" 1 
ATOM 374 H "H1'"  . DG B 1 6 ? 2.394  -5.866  8.633   1.00 10.00 ? 12 DG B "H1'"  1 
ATOM 375 H H8     . DG B 1 6 ? 6.304  -5.128  8.246   1.00 10.00 ? 12 DG B H8     1 
ATOM 376 H H1     . DG B 1 6 ? 3.243  -6.873  2.850   1.00 10.00 ? 12 DG B H1     1 
ATOM 377 H H21    . DG B 1 6 ? 0.988  -7.050  3.293   1.00 10.00 ? 12 DG B H21    1 
ATOM 378 H H22    . DG B 1 6 ? 0.376  -6.677  4.889   1.00 10.00 ? 12 DG B H22    1 
# 
